data_4G8R
#
_entry.id   4G8R
#
_cell.length_a   134.963
_cell.length_b   65.504
_cell.length_c   96.990
_cell.angle_alpha   90.00
_cell.angle_beta   100.62
_cell.angle_gamma   90.00
#
_symmetry.space_group_name_H-M   'C 1 2 1'
#
loop_
_entity.id
_entity.type
_entity.pdbx_description
1 polymer 'Plasminogen activator inhibitor-1'
2 non-polymer 'SULFATE ION'
3 non-polymer '(2S)-3-({[3-(trifluoromethyl)phenoxy]carbonyl}amino)propane-1,2-diyl bis(3,4,5-trihydroxybenzoate)'
4 water water
#
_entity_poly.entity_id   1
_entity_poly.type   'polypeptide(L)'
_entity_poly.pdbx_seq_one_letter_code
;APSYVAHLASDFGVRVFQQVAQASKDRNVVFSPYGVASVLAMLQLTTGGETQQQIQAAMGFKIDDKGMAPALRHLYKELM
GPWNKDEISTTDAIFVQRDLKLVQGFMPHFFRLFRSTVKQVDFSEVERARFIINDWVKTHTKGMISHLLGTGAVDQLTRL
VLVNALYFNGQWKTPFPDSSTHRRLFHKSDGSTVSVPMMAQTNKFNYTEFTTPDGHYYDILELPYHGDTLSMFIAAPYEK
EVPLSALTNILSAQLISHWKGNMTRLPRLLVLPKFSLETEVDLRKPLENLGMTDMFRQFQADFTSLSDQEPLHVALALQK
VKIEVNESGTVASSSTAVIVSARMAPEEIIIDRPFLFVVRHNPTGTVLFMGQVMEP
;
_entity_poly.pdbx_strand_id   A,B
#
loop_
_chem_comp.id
_chem_comp.type
_chem_comp.name
_chem_comp.formula
96P non-polymer '(2S)-3-({[3-(trifluoromethyl)phenoxy]carbonyl}amino)propane-1,2-diyl bis(3,4,5-trihydroxybenzoate)' 'C25 H20 F3 N O12'
SO4 non-polymer 'SULFATE ION' 'O4 S -2'
#
# COMPACT_ATOMS: atom_id res chain seq x y z
N SER A 3 0.74 -23.35 28.11
CA SER A 3 -0.70 -23.56 28.18
C SER A 3 -1.44 -22.27 28.65
N TYR A 4 -1.11 -21.68 29.83
CA TYR A 4 -1.83 -20.50 30.34
C TYR A 4 -1.70 -19.25 29.43
N VAL A 5 -0.46 -18.77 29.14
CA VAL A 5 -0.26 -17.58 28.28
C VAL A 5 -0.73 -17.89 26.88
N ALA A 6 -0.54 -19.13 26.40
CA ALA A 6 -1.03 -19.56 25.08
C ALA A 6 -2.55 -19.38 24.97
N HIS A 7 -3.30 -19.72 26.05
CA HIS A 7 -4.76 -19.55 26.12
C HIS A 7 -5.12 -18.06 26.10
N LEU A 8 -4.41 -17.22 26.91
CA LEU A 8 -4.62 -15.77 26.97
C LEU A 8 -4.36 -15.16 25.58
N ALA A 9 -3.20 -15.47 24.98
CA ALA A 9 -2.79 -15.01 23.65
C ALA A 9 -3.83 -15.40 22.60
N SER A 10 -4.21 -16.70 22.57
CA SER A 10 -5.17 -17.29 21.60
C SER A 10 -6.53 -16.67 21.75
N ASP A 11 -7.03 -16.50 22.99
CA ASP A 11 -8.34 -15.92 23.24
C ASP A 11 -8.42 -14.47 22.76
N PHE A 12 -7.38 -13.66 23.09
CA PHE A 12 -7.33 -12.27 22.66
C PHE A 12 -7.24 -12.16 21.12
N GLY A 13 -6.38 -12.95 20.51
CA GLY A 13 -6.19 -12.91 19.06
C GLY A 13 -7.40 -13.35 18.26
N VAL A 14 -8.18 -14.32 18.82
CA VAL A 14 -9.41 -14.77 18.18
C VAL A 14 -10.46 -13.63 18.23
N ARG A 15 -10.50 -12.83 19.31
CA ARG A 15 -11.41 -11.68 19.39
C ARG A 15 -11.04 -10.59 18.35
N VAL A 16 -9.73 -10.39 18.09
CA VAL A 16 -9.27 -9.43 17.06
C VAL A 16 -9.68 -9.97 15.67
N PHE A 17 -9.49 -11.29 15.42
CA PHE A 17 -9.90 -11.93 14.16
C PHE A 17 -11.41 -11.72 13.90
N GLN A 18 -12.26 -11.89 14.94
CA GLN A 18 -13.71 -11.70 14.81
C GLN A 18 -14.04 -10.27 14.38
N GLN A 19 -13.30 -9.27 14.89
CA GLN A 19 -13.49 -7.86 14.48
C GLN A 19 -13.08 -7.69 13.01
N VAL A 20 -11.97 -8.31 12.60
CA VAL A 20 -11.51 -8.27 11.21
C VAL A 20 -12.56 -8.95 10.28
N ALA A 21 -12.98 -10.19 10.60
CA ALA A 21 -13.95 -10.94 9.80
C ALA A 21 -15.34 -10.25 9.73
N GLN A 22 -15.84 -9.66 10.83
CA GLN A 22 -17.11 -8.91 10.86
C GLN A 22 -17.08 -7.66 9.95
N ALA A 23 -15.89 -7.05 9.80
CA ALA A 23 -15.71 -5.87 8.92
C ALA A 23 -15.39 -6.30 7.49
N SER A 24 -15.10 -7.59 7.26
CA SER A 24 -14.71 -8.07 5.94
C SER A 24 -15.58 -9.25 5.54
N LYS A 25 -16.90 -9.00 5.45
CA LYS A 25 -17.84 -10.05 5.09
C LYS A 25 -17.77 -10.27 3.57
N ASP A 26 -17.81 -11.55 3.18
CA ASP A 26 -17.78 -12.06 1.82
C ASP A 26 -16.36 -11.95 1.18
N ARG A 27 -15.31 -11.69 2.00
CA ARG A 27 -13.94 -11.65 1.47
C ARG A 27 -13.02 -12.57 2.25
N ASN A 28 -12.00 -13.10 1.54
CA ASN A 28 -10.99 -13.97 2.12
C ASN A 28 -10.20 -13.20 3.20
N VAL A 29 -9.96 -13.85 4.33
CA VAL A 29 -9.18 -13.22 5.39
C VAL A 29 -8.33 -14.27 6.06
N VAL A 30 -7.03 -13.97 6.24
CA VAL A 30 -6.12 -14.84 6.97
CA VAL A 30 -6.14 -14.85 7.00
C VAL A 30 -5.48 -13.96 8.05
N PHE A 31 -5.41 -14.46 9.27
CA PHE A 31 -4.94 -13.72 10.43
C PHE A 31 -4.16 -14.63 11.39
N SER A 32 -3.38 -14.02 12.29
CA SER A 32 -2.66 -14.79 13.27
C SER A 32 -2.98 -14.28 14.66
N PRO A 33 -3.86 -15.00 15.39
CA PRO A 33 -4.18 -14.62 16.77
C PRO A 33 -2.93 -14.54 17.63
N TYR A 34 -2.04 -15.54 17.48
CA TYR A 34 -0.80 -15.59 18.25
C TYR A 34 0.08 -14.34 17.98
N GLY A 35 0.23 -14.01 16.71
CA GLY A 35 1.03 -12.86 16.28
C GLY A 35 0.58 -11.52 16.84
N VAL A 36 -0.75 -11.24 16.81
CA VAL A 36 -1.23 -9.94 17.28
C VAL A 36 -1.03 -9.84 18.81
N ALA A 37 -1.18 -10.97 19.53
CA ALA A 37 -0.98 -11.04 20.99
C ALA A 37 0.48 -10.78 21.35
N SER A 38 1.40 -11.42 20.63
CA SER A 38 2.85 -11.33 20.84
C SER A 38 3.35 -9.89 20.68
N VAL A 39 2.93 -9.20 19.60
CA VAL A 39 3.38 -7.84 19.35
C VAL A 39 2.73 -6.85 20.35
N LEU A 40 1.45 -7.07 20.73
CA LEU A 40 0.76 -6.22 21.71
C LEU A 40 1.32 -6.44 23.10
N ALA A 41 1.76 -7.68 23.43
CA ALA A 41 2.44 -7.98 24.71
C ALA A 41 3.71 -7.08 24.81
N MET A 42 4.49 -6.96 23.70
CA MET A 42 5.68 -6.10 23.61
C MET A 42 5.28 -4.63 23.78
N LEU A 43 4.20 -4.21 23.10
CA LEU A 43 3.71 -2.83 23.19
C LEU A 43 3.31 -2.44 24.62
N GLN A 44 2.81 -3.38 25.44
CA GLN A 44 2.46 -3.12 26.84
C GLN A 44 3.59 -2.44 27.63
N LEU A 45 4.86 -2.80 27.34
CA LEU A 45 6.03 -2.31 28.06
C LEU A 45 6.34 -0.87 27.73
N THR A 46 5.89 -0.39 26.56
CA THR A 46 6.13 1.00 26.14
C THR A 46 5.07 1.98 26.70
N THR A 47 3.95 1.45 27.25
CA THR A 47 2.79 2.25 27.64
C THR A 47 2.67 2.55 29.12
N GLY A 48 1.82 3.53 29.44
CA GLY A 48 1.48 3.97 30.78
C GLY A 48 0.04 4.40 30.86
N GLY A 49 -0.38 4.83 32.07
CA GLY A 49 -1.73 5.35 32.37
C GLY A 49 -2.87 4.55 31.79
N GLU A 50 -3.85 5.25 31.18
CA GLU A 50 -5.04 4.64 30.57
C GLU A 50 -4.70 3.83 29.31
N THR A 51 -3.62 4.19 28.57
CA THR A 51 -3.20 3.43 27.37
C THR A 51 -2.80 2.01 27.80
N GLN A 52 -1.97 1.90 28.84
CA GLN A 52 -1.57 0.60 29.39
C GLN A 52 -2.79 -0.21 29.92
N GLN A 53 -3.69 0.46 30.69
CA GLN A 53 -4.91 -0.15 31.26
C GLN A 53 -5.80 -0.73 30.17
N GLN A 54 -6.01 0.01 29.08
CA GLN A 54 -6.86 -0.46 27.96
C GLN A 54 -6.29 -1.69 27.30
N ILE A 55 -4.95 -1.78 27.14
CA ILE A 55 -4.34 -2.96 26.49
C ILE A 55 -4.43 -4.16 27.43
N GLN A 56 -4.06 -3.96 28.70
CA GLN A 56 -4.06 -5.01 29.73
C GLN A 56 -5.47 -5.57 29.95
N ALA A 57 -6.51 -4.71 30.00
CA ALA A 57 -7.90 -5.15 30.16
C ALA A 57 -8.38 -5.97 28.93
N ALA A 58 -7.99 -5.55 27.71
CA ALA A 58 -8.38 -6.27 26.50
C ALA A 58 -7.67 -7.61 26.35
N MET A 59 -6.35 -7.66 26.70
CA MET A 59 -5.53 -8.88 26.59
C MET A 59 -5.75 -9.85 27.75
N GLY A 60 -6.17 -9.34 28.91
CA GLY A 60 -6.44 -10.14 30.10
C GLY A 60 -5.22 -10.47 30.95
N PHE A 61 -4.06 -9.81 30.68
CA PHE A 61 -2.86 -10.03 31.49
C PHE A 61 -1.90 -8.84 31.39
N LYS A 62 -0.97 -8.74 32.36
CA LYS A 62 0.06 -7.71 32.48
C LYS A 62 1.39 -8.38 32.20
N ILE A 63 2.10 -7.91 31.16
CA ILE A 63 3.37 -8.49 30.70
C ILE A 63 4.45 -8.50 31.81
N ASP A 64 4.42 -7.54 32.73
CA ASP A 64 5.37 -7.38 33.82
C ASP A 64 5.07 -8.28 35.01
N ASP A 65 3.92 -8.99 34.98
CA ASP A 65 3.58 -9.89 36.08
C ASP A 65 4.52 -11.09 36.07
N LYS A 66 4.88 -11.58 37.29
CA LYS A 66 5.82 -12.68 37.46
C LYS A 66 5.41 -13.90 36.63
N GLY A 67 6.37 -14.41 35.86
CA GLY A 67 6.20 -15.60 35.03
C GLY A 67 5.60 -15.42 33.65
N MET A 68 4.95 -14.25 33.35
CA MET A 68 4.32 -14.01 32.04
C MET A 68 5.35 -13.93 30.91
N ALA A 69 6.35 -13.00 30.99
CA ALA A 69 7.38 -12.87 29.94
C ALA A 69 8.18 -14.18 29.78
N PRO A 70 8.64 -14.87 30.88
CA PRO A 70 9.29 -16.19 30.69
C PRO A 70 8.36 -17.20 30.00
N ALA A 71 7.05 -17.23 30.35
CA ALA A 71 6.11 -18.17 29.72
C ALA A 71 5.96 -17.89 28.24
N LEU A 72 5.92 -16.59 27.82
CA LEU A 72 5.84 -16.24 26.41
C LEU A 72 7.14 -16.59 25.66
N ARG A 73 8.31 -16.39 26.33
CA ARG A 73 9.63 -16.77 25.78
C ARG A 73 9.68 -18.30 25.58
N HIS A 74 9.30 -19.08 26.61
CA HIS A 74 9.21 -20.56 26.53
C HIS A 74 8.28 -20.93 25.38
N LEU A 75 7.08 -20.29 25.33
CA LEU A 75 6.09 -20.50 24.28
C LEU A 75 6.71 -20.27 22.90
N TYR A 76 7.44 -19.15 22.70
CA TYR A 76 8.11 -18.84 21.43
C TYR A 76 9.13 -19.92 21.02
N LYS A 77 9.87 -20.51 22.00
CA LYS A 77 10.85 -21.58 21.76
C LYS A 77 10.15 -22.86 21.25
N GLU A 78 9.01 -23.25 21.87
CA GLU A 78 8.22 -24.44 21.51
C GLU A 78 7.70 -24.39 20.06
N LEU A 79 7.44 -23.19 19.53
CA LEU A 79 6.94 -22.97 18.17
C LEU A 79 8.09 -22.87 17.15
N MET A 80 9.33 -22.60 17.61
CA MET A 80 10.51 -22.52 16.72
C MET A 80 11.36 -23.80 16.76
N GLY A 81 10.84 -24.84 17.41
CA GLY A 81 11.49 -26.14 17.61
C GLY A 81 11.97 -26.92 16.40
N PRO A 82 12.66 -28.07 16.62
CA PRO A 82 13.20 -28.85 15.48
C PRO A 82 12.15 -29.41 14.52
N TRP A 83 10.90 -29.62 14.98
CA TRP A 83 9.76 -30.11 14.18
C TRP A 83 9.45 -29.20 12.97
N ASN A 84 9.71 -27.88 13.09
CA ASN A 84 9.42 -26.88 12.07
C ASN A 84 10.45 -26.95 10.92
N LYS A 85 10.04 -27.56 9.80
CA LYS A 85 10.88 -27.77 8.61
C LYS A 85 10.59 -26.68 7.55
N ASP A 86 10.88 -25.40 7.91
CA ASP A 86 10.65 -24.17 7.11
C ASP A 86 9.15 -24.03 6.79
N GLU A 87 8.28 -24.46 7.73
CA GLU A 87 6.84 -24.40 7.59
C GLU A 87 6.29 -23.08 8.15
N ILE A 88 6.74 -22.68 9.37
CA ILE A 88 6.29 -21.45 10.03
C ILE A 88 7.45 -20.44 10.25
N SER A 89 7.20 -19.20 9.79
CA SER A 89 8.09 -18.04 9.92
C SER A 89 7.31 -16.89 10.54
N THR A 90 7.80 -16.34 11.65
CA THR A 90 7.14 -15.25 12.35
C THR A 90 8.11 -14.14 12.78
N THR A 91 7.67 -12.88 12.68
CA THR A 91 8.46 -11.75 13.17
C THR A 91 7.55 -10.66 13.74
N ASP A 92 8.04 -10.03 14.81
CA ASP A 92 7.43 -8.89 15.53
C ASP A 92 8.43 -7.77 15.59
N ALA A 93 8.00 -6.54 15.33
CA ALA A 93 8.94 -5.44 15.43
C ALA A 93 8.22 -4.17 15.75
N ILE A 94 8.84 -3.40 16.65
CA ILE A 94 8.40 -2.07 17.04
C ILE A 94 9.47 -1.15 16.53
N PHE A 95 9.11 -0.21 15.63
CA PHE A 95 10.03 0.77 15.05
C PHE A 95 9.73 2.15 15.67
N VAL A 96 10.76 2.84 16.18
CA VAL A 96 10.61 4.15 16.83
C VAL A 96 11.58 5.15 16.16
N GLN A 97 11.21 6.44 16.18
CA GLN A 97 12.04 7.52 15.63
C GLN A 97 13.40 7.54 16.35
N ARG A 98 14.50 7.58 15.58
CA ARG A 98 15.89 7.49 16.03
C ARG A 98 16.32 8.56 17.07
N ASP A 99 15.97 9.83 16.88
CA ASP A 99 16.47 10.88 17.79
C ASP A 99 15.61 11.07 19.06
N LEU A 100 14.52 10.29 19.18
CA LEU A 100 13.57 10.33 20.29
C LEU A 100 14.25 9.90 21.60
N LYS A 101 14.30 10.82 22.59
CA LYS A 101 14.90 10.60 23.91
C LYS A 101 14.10 9.51 24.66
N LEU A 102 14.71 8.33 24.80
CA LEU A 102 14.07 7.20 25.45
C LEU A 102 14.30 7.25 26.93
N VAL A 103 13.41 6.64 27.73
CA VAL A 103 13.61 6.68 29.18
C VAL A 103 14.75 5.72 29.50
N GLN A 104 15.56 6.10 30.49
CA GLN A 104 16.66 5.28 30.99
C GLN A 104 16.05 4.01 31.56
N GLY A 105 16.60 2.88 31.21
CA GLY A 105 16.05 1.64 31.72
C GLY A 105 15.05 0.97 30.81
N PHE A 106 14.43 1.70 29.84
CA PHE A 106 13.47 1.06 28.93
C PHE A 106 14.13 -0.06 28.11
N MET A 107 15.14 0.27 27.28
CA MET A 107 15.76 -0.71 26.39
C MET A 107 16.35 -1.92 27.15
N PRO A 108 17.11 -1.80 28.27
CA PRO A 108 17.55 -3.01 28.97
C PRO A 108 16.38 -3.83 29.54
N HIS A 109 15.29 -3.17 30.01
CA HIS A 109 14.11 -3.90 30.53
C HIS A 109 13.41 -4.66 29.39
N PHE A 110 13.26 -4.02 28.22
CA PHE A 110 12.65 -4.66 27.06
C PHE A 110 13.48 -5.89 26.65
N PHE A 111 14.83 -5.77 26.67
CA PHE A 111 15.70 -6.88 26.31
C PHE A 111 15.62 -8.00 27.34
N ARG A 112 15.57 -7.66 28.63
CA ARG A 112 15.47 -8.64 29.70
C ARG A 112 14.26 -9.57 29.45
N LEU A 113 13.10 -8.97 29.14
CA LEU A 113 11.83 -9.69 28.99
C LEU A 113 11.62 -10.34 27.62
N PHE A 114 12.02 -9.67 26.52
CA PHE A 114 11.77 -10.17 25.16
C PHE A 114 13.01 -10.67 24.41
N ARG A 115 14.23 -10.37 24.89
CA ARG A 115 15.49 -10.79 24.25
C ARG A 115 15.57 -10.23 22.81
N SER A 116 15.03 -9.03 22.64
CA SER A 116 15.02 -8.27 21.41
C SER A 116 15.00 -6.81 21.78
N THR A 117 15.12 -5.94 20.77
CA THR A 117 15.14 -4.50 20.96
C THR A 117 14.05 -3.85 20.17
N VAL A 118 13.72 -2.63 20.55
CA VAL A 118 12.83 -1.76 19.81
C VAL A 118 13.76 -1.15 18.73
N LYS A 119 13.38 -1.21 17.44
CA LYS A 119 14.28 -0.71 16.36
C LYS A 119 14.19 0.79 16.20
N GLN A 120 15.33 1.44 16.03
CA GLN A 120 15.37 2.87 15.87
C GLN A 120 15.64 3.23 14.41
N VAL A 121 14.74 4.02 13.81
CA VAL A 121 14.87 4.43 12.43
C VAL A 121 14.61 5.92 12.29
N ASP A 122 15.25 6.55 11.31
CA ASP A 122 14.98 7.96 11.04
C ASP A 122 13.85 8.04 9.99
N PHE A 123 12.62 8.33 10.45
CA PHE A 123 11.45 8.47 9.56
C PHE A 123 11.53 9.74 8.68
N SER A 124 12.45 10.69 8.98
CA SER A 124 12.69 11.89 8.15
C SER A 124 13.23 11.47 6.78
N GLU A 125 13.89 10.29 6.73
CA GLU A 125 14.35 9.65 5.49
C GLU A 125 13.27 8.63 5.16
N VAL A 126 12.13 9.14 4.69
CA VAL A 126 10.89 8.37 4.43
C VAL A 126 11.14 7.14 3.58
N GLU A 127 11.74 7.31 2.39
CA GLU A 127 11.99 6.21 1.46
C GLU A 127 12.82 5.11 2.10
N ARG A 128 13.89 5.51 2.80
CA ARG A 128 14.79 4.60 3.49
C ARG A 128 14.10 3.90 4.66
N ALA A 129 13.32 4.62 5.50
CA ALA A 129 12.59 4.00 6.61
C ALA A 129 11.67 2.89 6.08
N ARG A 130 10.99 3.16 4.93
CA ARG A 130 10.08 2.20 4.29
C ARG A 130 10.88 0.95 3.83
N PHE A 131 12.08 1.13 3.24
CA PHE A 131 12.89 -0.02 2.79
C PHE A 131 13.40 -0.88 3.94
N ILE A 132 13.77 -0.25 5.07
CA ILE A 132 14.28 -0.92 6.26
C ILE A 132 13.21 -1.81 6.82
N ILE A 133 11.98 -1.27 7.01
CA ILE A 133 10.84 -2.03 7.55
C ILE A 133 10.59 -3.27 6.67
N ASN A 134 10.48 -3.08 5.33
CA ASN A 134 10.31 -4.20 4.39
C ASN A 134 11.43 -5.21 4.47
N ASP A 135 12.70 -4.74 4.52
CA ASP A 135 13.87 -5.63 4.61
C ASP A 135 13.90 -6.37 5.96
N TRP A 136 13.42 -5.75 7.03
CA TRP A 136 13.31 -6.43 8.33
C TRP A 136 12.33 -7.64 8.22
N VAL A 137 11.17 -7.40 7.62
CA VAL A 137 10.12 -8.40 7.44
C VAL A 137 10.62 -9.51 6.49
N LYS A 138 11.29 -9.12 5.39
CA LYS A 138 11.80 -10.07 4.40
C LYS A 138 12.77 -11.06 5.01
N THR A 139 13.79 -10.54 5.71
CA THR A 139 14.84 -11.39 6.26
C THR A 139 14.38 -12.21 7.47
N HIS A 140 13.41 -11.74 8.24
CA HIS A 140 12.91 -12.50 9.39
C HIS A 140 11.73 -13.44 9.04
N THR A 141 11.33 -13.51 7.76
CA THR A 141 10.32 -14.47 7.28
C THR A 141 10.96 -15.38 6.24
N LYS A 142 12.32 -15.38 6.15
CA LYS A 142 13.16 -16.17 5.23
C LYS A 142 12.75 -15.89 3.77
N GLY A 143 12.47 -14.61 3.48
CA GLY A 143 12.07 -14.14 2.15
C GLY A 143 10.63 -14.36 1.75
N MET A 144 9.80 -14.96 2.63
CA MET A 144 8.40 -15.29 2.30
C MET A 144 7.47 -14.07 2.25
N ILE A 145 7.65 -13.07 3.13
CA ILE A 145 6.92 -11.80 3.08
C ILE A 145 7.98 -10.71 2.85
N SER A 146 7.95 -10.08 1.69
CA SER A 146 8.99 -9.12 1.28
C SER A 146 8.58 -7.64 1.34
N HIS A 147 7.27 -7.32 1.49
CA HIS A 147 6.85 -5.93 1.58
C HIS A 147 5.51 -5.78 2.29
N LEU A 148 5.34 -4.61 2.91
CA LEU A 148 4.11 -4.16 3.58
C LEU A 148 3.59 -2.96 2.81
N LEU A 149 2.34 -2.99 2.36
CA LEU A 149 1.80 -1.88 1.57
C LEU A 149 1.35 -0.73 2.47
N GLY A 150 1.00 -1.04 3.71
CA GLY A 150 0.54 -0.06 4.68
C GLY A 150 1.58 1.00 4.98
N THR A 151 2.88 0.69 4.78
CA THR A 151 3.97 1.64 5.04
C THR A 151 4.06 2.73 3.99
N GLY A 152 3.20 2.69 2.97
CA GLY A 152 3.06 3.75 1.98
C GLY A 152 2.50 4.98 2.68
N ALA A 153 1.94 4.80 3.89
CA ALA A 153 1.43 5.92 4.68
C ALA A 153 2.51 6.45 5.68
N VAL A 154 3.69 5.80 5.79
CA VAL A 154 4.80 6.26 6.63
C VAL A 154 5.31 7.60 6.05
N ASP A 155 5.46 8.64 6.90
CA ASP A 155 5.95 9.96 6.48
C ASP A 155 6.92 10.54 7.54
N GLN A 156 7.36 11.77 7.32
CA GLN A 156 8.34 12.45 8.17
C GLN A 156 7.85 12.68 9.58
N LEU A 157 6.51 12.67 9.79
CA LEU A 157 5.84 12.85 11.07
C LEU A 157 5.69 11.53 11.87
N THR A 158 5.85 10.36 11.22
CA THR A 158 5.74 9.04 11.87
C THR A 158 6.76 8.91 13.01
N ARG A 159 6.34 8.39 14.16
CA ARG A 159 7.29 8.24 15.27
C ARG A 159 7.29 6.83 15.82
N LEU A 160 6.20 6.06 15.59
CA LEU A 160 6.04 4.74 16.18
C LEU A 160 5.18 3.88 15.28
N VAL A 161 5.77 2.79 14.79
CA VAL A 161 5.18 1.79 13.89
C VAL A 161 5.31 0.39 14.53
N LEU A 162 4.22 -0.38 14.46
CA LEU A 162 4.15 -1.73 15.01
C LEU A 162 3.95 -2.68 13.82
N VAL A 163 4.79 -3.71 13.71
CA VAL A 163 4.71 -4.64 12.59
C VAL A 163 4.76 -6.11 13.09
N ASN A 164 3.97 -6.96 12.44
CA ASN A 164 3.89 -8.40 12.71
C ASN A 164 3.68 -9.13 11.38
N ALA A 165 4.56 -10.06 11.03
CA ALA A 165 4.46 -10.79 9.76
C ALA A 165 4.72 -12.27 9.98
N LEU A 166 3.89 -13.13 9.36
CA LEU A 166 3.97 -14.57 9.50
C LEU A 166 3.74 -15.29 8.18
N TYR A 167 4.42 -16.39 7.98
CA TYR A 167 4.23 -17.23 6.81
C TYR A 167 3.99 -18.64 7.25
N PHE A 168 3.05 -19.34 6.58
CA PHE A 168 2.84 -20.74 6.90
C PHE A 168 2.51 -21.60 5.67
N ASN A 169 3.24 -22.71 5.56
CA ASN A 169 3.00 -23.78 4.57
C ASN A 169 3.43 -25.09 5.23
N GLY A 170 2.49 -25.84 5.77
CA GLY A 170 2.79 -27.08 6.47
C GLY A 170 2.81 -28.35 5.63
N GLN A 171 3.53 -29.35 6.11
CA GLN A 171 3.58 -30.65 5.45
C GLN A 171 2.63 -31.55 6.20
N TRP A 172 1.60 -32.03 5.50
CA TRP A 172 0.59 -32.92 6.08
C TRP A 172 1.21 -34.20 6.57
N LYS A 173 0.64 -34.77 7.65
CA LYS A 173 1.03 -36.09 8.13
C LYS A 173 0.76 -37.12 6.99
N THR A 174 -0.40 -36.98 6.31
CA THR A 174 -0.80 -37.79 5.17
C THR A 174 -1.07 -36.82 4.03
N PRO A 175 -0.15 -36.73 3.06
CA PRO A 175 -0.36 -35.79 1.95
C PRO A 175 -1.56 -36.20 1.09
N PHE A 176 -2.19 -35.23 0.42
CA PHE A 176 -3.28 -35.50 -0.50
C PHE A 176 -2.68 -36.10 -1.80
N PRO A 177 -3.21 -37.20 -2.37
CA PRO A 177 -2.62 -37.73 -3.63
C PRO A 177 -2.78 -36.73 -4.77
N ASP A 178 -1.69 -36.43 -5.49
CA ASP A 178 -1.68 -35.49 -6.62
C ASP A 178 -2.69 -35.86 -7.74
N SER A 179 -2.86 -37.15 -8.05
CA SER A 179 -3.80 -37.62 -9.08
C SER A 179 -5.30 -37.36 -8.72
N SER A 180 -5.60 -37.17 -7.42
CA SER A 180 -6.97 -36.98 -6.94
C SER A 180 -7.45 -35.51 -7.00
N THR A 181 -6.55 -34.55 -7.33
CA THR A 181 -6.93 -33.14 -7.40
C THR A 181 -7.55 -32.81 -8.77
N HIS A 182 -8.76 -32.23 -8.77
CA HIS A 182 -9.39 -31.75 -10.00
C HIS A 182 -10.37 -30.62 -9.67
N ARG A 183 -10.77 -29.90 -10.73
CA ARG A 183 -11.65 -28.74 -10.64
C ARG A 183 -13.07 -29.16 -10.29
N ARG A 184 -13.67 -28.43 -9.36
CA ARG A 184 -15.03 -28.66 -8.90
C ARG A 184 -15.71 -27.32 -8.66
N LEU A 185 -17.04 -27.29 -8.66
CA LEU A 185 -17.78 -26.05 -8.42
C LEU A 185 -17.81 -25.69 -6.95
N PHE A 186 -17.41 -24.46 -6.66
CA PHE A 186 -17.42 -23.86 -5.34
C PHE A 186 -18.59 -22.85 -5.30
N HIS A 187 -19.47 -22.95 -4.30
CA HIS A 187 -20.62 -22.03 -4.20
C HIS A 187 -20.32 -20.86 -3.27
N LYS A 188 -20.21 -19.67 -3.85
CA LYS A 188 -19.95 -18.42 -3.14
C LYS A 188 -21.17 -17.97 -2.34
N SER A 189 -21.00 -17.09 -1.35
CA SER A 189 -22.09 -16.62 -0.48
C SER A 189 -23.16 -15.75 -1.21
N ASP A 190 -22.85 -15.20 -2.41
CA ASP A 190 -23.80 -14.39 -3.19
C ASP A 190 -24.63 -15.24 -4.20
N GLY A 191 -24.56 -16.57 -4.08
CA GLY A 191 -25.29 -17.48 -4.94
C GLY A 191 -24.60 -17.88 -6.23
N SER A 192 -23.46 -17.23 -6.57
CA SER A 192 -22.72 -17.57 -7.78
C SER A 192 -21.82 -18.81 -7.55
N THR A 193 -21.28 -19.41 -8.65
CA THR A 193 -20.38 -20.57 -8.62
C THR A 193 -19.09 -20.27 -9.39
N VAL A 194 -17.99 -20.89 -8.96
CA VAL A 194 -16.65 -20.79 -9.57
C VAL A 194 -16.01 -22.21 -9.56
N SER A 195 -15.31 -22.56 -10.64
CA SER A 195 -14.60 -23.82 -10.78
C SER A 195 -13.20 -23.65 -10.18
N VAL A 196 -12.86 -24.43 -9.17
CA VAL A 196 -11.54 -24.29 -8.51
C VAL A 196 -10.85 -25.67 -8.34
N PRO A 197 -9.50 -25.74 -8.28
CA PRO A 197 -8.86 -27.03 -8.02
C PRO A 197 -9.13 -27.47 -6.57
N MET A 198 -9.65 -28.68 -6.40
CA MET A 198 -9.99 -29.24 -5.09
C MET A 198 -9.24 -30.54 -4.89
N MET A 199 -8.57 -30.68 -3.75
CA MET A 199 -7.85 -31.88 -3.35
C MET A 199 -8.81 -32.89 -2.79
N ALA A 200 -8.48 -34.19 -2.89
CA ALA A 200 -9.33 -35.25 -2.36
C ALA A 200 -8.50 -36.33 -1.69
N GLN A 201 -9.01 -36.83 -0.57
CA GLN A 201 -8.35 -37.86 0.22
C GLN A 201 -9.38 -38.68 0.96
N THR A 202 -9.22 -40.02 0.92
CA THR A 202 -10.07 -40.97 1.64
C THR A 202 -9.20 -41.49 2.79
N ASN A 203 -9.61 -41.23 4.02
CA ASN A 203 -8.86 -41.62 5.21
C ASN A 203 -9.81 -41.69 6.41
N LYS A 204 -9.25 -42.02 7.59
CA LYS A 204 -9.93 -42.00 8.88
C LYS A 204 -9.59 -40.63 9.45
N PHE A 205 -10.54 -39.70 9.35
CA PHE A 205 -10.30 -38.34 9.81
C PHE A 205 -10.93 -38.10 11.16
N ASN A 206 -10.23 -37.32 12.01
CA ASN A 206 -10.78 -36.82 13.25
C ASN A 206 -11.88 -35.88 12.81
N TYR A 207 -13.11 -36.21 13.19
CA TYR A 207 -14.29 -35.47 12.79
C TYR A 207 -15.21 -35.27 13.97
N THR A 208 -15.97 -34.16 13.94
CA THR A 208 -17.02 -33.90 14.90
C THR A 208 -18.04 -32.96 14.27
N GLU A 209 -19.22 -32.93 14.85
CA GLU A 209 -20.33 -32.13 14.42
C GLU A 209 -20.83 -31.34 15.62
N PHE A 210 -21.00 -30.04 15.46
CA PHE A 210 -21.49 -29.16 16.52
C PHE A 210 -22.68 -28.37 15.99
N THR A 211 -23.35 -27.61 16.87
CA THR A 211 -24.44 -26.74 16.44
C THR A 211 -24.18 -25.32 16.86
N THR A 212 -24.76 -24.38 16.09
CA THR A 212 -24.74 -22.95 16.41
C THR A 212 -25.83 -22.73 17.48
N PRO A 213 -25.90 -21.57 18.20
CA PRO A 213 -26.99 -21.39 19.17
C PRO A 213 -28.39 -21.49 18.53
N ASP A 214 -28.54 -21.23 17.22
CA ASP A 214 -29.84 -21.37 16.54
C ASP A 214 -30.12 -22.81 16.12
N GLY A 215 -29.19 -23.72 16.37
CA GLY A 215 -29.36 -25.15 16.08
C GLY A 215 -28.84 -25.67 14.76
N HIS A 216 -28.16 -24.84 13.96
CA HIS A 216 -27.61 -25.27 12.68
C HIS A 216 -26.35 -26.08 12.87
N TYR A 217 -26.30 -27.27 12.22
CA TYR A 217 -25.17 -28.17 12.28
C TYR A 217 -24.01 -27.66 11.42
N TYR A 218 -22.79 -27.87 11.92
CA TYR A 218 -21.59 -27.55 11.20
C TYR A 218 -20.57 -28.64 11.43
N ASP A 219 -19.85 -29.00 10.37
CA ASP A 219 -18.83 -30.04 10.35
C ASP A 219 -17.54 -29.49 10.81
N ILE A 220 -16.76 -30.26 11.58
CA ILE A 220 -15.41 -29.85 11.98
C ILE A 220 -14.49 -31.02 11.70
N LEU A 221 -13.47 -30.78 10.88
CA LEU A 221 -12.52 -31.83 10.53
C LEU A 221 -11.10 -31.44 10.93
N GLU A 222 -10.30 -32.39 11.45
CA GLU A 222 -8.91 -32.12 11.83
C GLU A 222 -7.95 -32.79 10.85
N LEU A 223 -6.99 -32.03 10.35
CA LEU A 223 -5.97 -32.50 9.43
C LEU A 223 -4.61 -32.32 10.09
N PRO A 224 -3.95 -33.39 10.61
CA PRO A 224 -2.66 -33.18 11.27
C PRO A 224 -1.50 -32.93 10.29
N TYR A 225 -0.54 -32.11 10.73
CA TYR A 225 0.71 -31.89 10.04
C TYR A 225 1.70 -32.93 10.58
N HIS A 226 2.83 -33.17 9.89
CA HIS A 226 3.80 -34.22 10.23
C HIS A 226 4.28 -34.16 11.71
N GLY A 227 4.26 -35.32 12.37
CA GLY A 227 4.68 -35.44 13.78
C GLY A 227 3.66 -35.00 14.81
N ASP A 228 2.43 -34.66 14.37
CA ASP A 228 1.25 -34.28 15.18
C ASP A 228 1.49 -33.07 16.13
N THR A 229 2.40 -32.16 15.78
CA THR A 229 2.64 -30.94 16.57
C THR A 229 1.49 -29.95 16.26
N LEU A 230 1.30 -29.70 14.96
CA LEU A 230 0.27 -28.79 14.47
C LEU A 230 -0.83 -29.55 13.80
N SER A 231 -1.99 -28.92 13.76
CA SER A 231 -3.17 -29.42 13.08
C SER A 231 -3.87 -28.27 12.38
N MET A 232 -4.57 -28.58 11.28
CA MET A 232 -5.47 -27.63 10.66
C MET A 232 -6.90 -28.10 10.90
N PHE A 233 -7.74 -27.22 11.46
CA PHE A 233 -9.17 -27.50 11.63
C PHE A 233 -9.92 -26.81 10.52
N ILE A 234 -10.86 -27.53 9.89
CA ILE A 234 -11.73 -27.02 8.84
C ILE A 234 -13.13 -27.04 9.40
N ALA A 235 -13.80 -25.90 9.45
CA ALA A 235 -15.19 -25.82 9.95
C ALA A 235 -16.09 -25.18 8.91
N ALA A 236 -17.29 -25.75 8.71
CA ALA A 236 -18.25 -25.22 7.74
C ALA A 236 -19.64 -25.69 8.06
N PRO A 237 -20.66 -24.81 7.94
CA PRO A 237 -22.05 -25.25 8.16
C PRO A 237 -22.47 -26.29 7.13
N TYR A 238 -23.24 -27.32 7.55
CA TYR A 238 -23.73 -28.38 6.68
C TYR A 238 -24.58 -27.80 5.52
N GLU A 239 -25.56 -26.93 5.85
CA GLU A 239 -26.46 -26.34 4.86
C GLU A 239 -25.82 -25.14 4.19
N LYS A 240 -25.94 -25.06 2.85
CA LYS A 240 -25.36 -23.94 2.09
C LYS A 240 -26.07 -22.59 2.38
N GLU A 241 -27.29 -22.61 2.91
CA GLU A 241 -28.02 -21.40 3.22
C GLU A 241 -27.60 -20.80 4.56
N VAL A 242 -26.87 -21.55 5.40
CA VAL A 242 -26.38 -21.01 6.66
C VAL A 242 -25.08 -20.24 6.35
N PRO A 243 -25.02 -18.90 6.61
CA PRO A 243 -23.78 -18.16 6.33
C PRO A 243 -22.66 -18.52 7.31
N LEU A 244 -21.40 -18.36 6.88
CA LEU A 244 -20.21 -18.67 7.65
C LEU A 244 -20.09 -17.80 8.90
N SER A 245 -20.63 -16.57 8.86
CA SER A 245 -20.67 -15.63 9.98
C SER A 245 -21.34 -16.23 11.22
N ALA A 246 -22.27 -17.21 11.06
CA ALA A 246 -22.94 -17.90 12.17
C ALA A 246 -21.92 -18.66 13.05
N LEU A 247 -20.84 -19.20 12.41
CA LEU A 247 -19.75 -19.87 13.09
C LEU A 247 -18.73 -18.83 13.61
N THR A 248 -18.33 -17.89 12.76
CA THR A 248 -17.33 -16.84 13.08
C THR A 248 -17.75 -16.03 14.32
N ASN A 249 -19.05 -15.71 14.44
CA ASN A 249 -19.58 -14.93 15.56
C ASN A 249 -19.51 -15.65 16.93
N ILE A 250 -19.26 -16.99 16.96
CA ILE A 250 -19.23 -17.76 18.23
C ILE A 250 -17.85 -18.36 18.49
N LEU A 251 -16.85 -18.08 17.64
CA LEU A 251 -15.52 -18.62 17.87
C LEU A 251 -14.89 -18.10 19.16
N SER A 252 -14.04 -18.94 19.79
CA SER A 252 -13.21 -18.67 20.95
C SER A 252 -12.14 -19.76 21.04
N ALA A 253 -11.10 -19.50 21.83
CA ALA A 253 -10.04 -20.49 22.06
C ALA A 253 -10.62 -21.72 22.74
N GLN A 254 -11.63 -21.52 23.62
CA GLN A 254 -12.33 -22.60 24.36
C GLN A 254 -13.10 -23.52 23.40
N LEU A 255 -13.87 -22.98 22.44
CA LEU A 255 -14.67 -23.78 21.47
C LEU A 255 -13.76 -24.71 20.62
N ILE A 256 -12.60 -24.19 20.14
CA ILE A 256 -11.64 -24.95 19.33
C ILE A 256 -11.12 -26.16 20.13
N SER A 257 -10.79 -25.97 21.41
CA SER A 257 -10.33 -27.05 22.29
C SER A 257 -11.43 -28.10 22.45
N HIS A 258 -12.69 -27.62 22.58
CA HIS A 258 -13.87 -28.49 22.71
C HIS A 258 -14.08 -29.28 21.39
N TRP A 259 -13.85 -28.65 20.20
CA TRP A 259 -13.93 -29.37 18.92
C TRP A 259 -13.00 -30.58 18.91
N LYS A 260 -11.71 -30.36 19.27
CA LYS A 260 -10.65 -31.38 19.31
C LYS A 260 -11.00 -32.46 20.30
N GLY A 261 -11.45 -32.07 21.49
CA GLY A 261 -11.86 -33.00 22.53
C GLY A 261 -12.98 -33.95 22.12
N ASN A 262 -13.92 -33.48 21.28
CA ASN A 262 -15.07 -34.30 20.85
C ASN A 262 -14.86 -35.08 19.56
N MET A 263 -13.67 -34.98 18.94
CA MET A 263 -13.46 -35.69 17.70
C MET A 263 -13.22 -37.18 17.87
N THR A 264 -13.70 -37.96 16.89
CA THR A 264 -13.50 -39.38 16.74
C THR A 264 -13.02 -39.60 15.30
N ARG A 265 -12.16 -40.64 15.09
CA ARG A 265 -11.60 -41.00 13.78
C ARG A 265 -12.65 -41.79 12.98
N LEU A 266 -13.15 -41.20 11.87
CA LEU A 266 -14.18 -41.79 11.02
C LEU A 266 -13.75 -41.90 9.55
N PRO A 267 -14.09 -43.00 8.83
CA PRO A 267 -13.71 -43.12 7.40
C PRO A 267 -14.52 -42.17 6.53
N ARG A 268 -13.84 -41.28 5.78
CA ARG A 268 -14.48 -40.28 4.94
C ARG A 268 -13.70 -39.96 3.70
N LEU A 269 -14.40 -39.56 2.64
CA LEU A 269 -13.81 -38.98 1.45
C LEU A 269 -13.87 -37.48 1.66
N LEU A 270 -12.74 -36.84 1.88
CA LEU A 270 -12.71 -35.39 2.04
C LEU A 270 -12.29 -34.75 0.73
N VAL A 271 -13.07 -33.74 0.30
CA VAL A 271 -12.82 -32.93 -0.90
C VAL A 271 -12.61 -31.53 -0.38
N LEU A 272 -11.39 -31.02 -0.50
CA LEU A 272 -11.04 -29.71 0.05
C LEU A 272 -10.37 -28.84 -1.00
N PRO A 273 -10.82 -27.58 -1.17
CA PRO A 273 -10.12 -26.71 -2.12
C PRO A 273 -8.70 -26.36 -1.68
N LYS A 274 -7.79 -26.32 -2.66
CA LYS A 274 -6.45 -25.80 -2.51
C LYS A 274 -6.58 -24.30 -2.34
N PHE A 275 -5.74 -23.68 -1.53
CA PHE A 275 -5.81 -22.22 -1.44
C PHE A 275 -4.49 -21.65 -1.01
N SER A 276 -4.23 -20.42 -1.43
CA SER A 276 -3.05 -19.64 -1.10
C SER A 276 -3.55 -18.24 -0.82
N LEU A 277 -3.45 -17.83 0.42
CA LEU A 277 -4.02 -16.54 0.80
C LEU A 277 -3.03 -15.63 1.45
N GLU A 278 -3.22 -14.34 1.22
CA GLU A 278 -2.41 -13.27 1.78
C GLU A 278 -3.29 -12.12 2.22
N THR A 279 -3.10 -11.67 3.47
CA THR A 279 -3.81 -10.55 4.05
C THR A 279 -2.83 -9.64 4.73
N GLU A 280 -3.04 -8.35 4.54
CA GLU A 280 -2.34 -7.31 5.25
C GLU A 280 -3.46 -6.51 5.90
N VAL A 281 -3.47 -6.43 7.22
CA VAL A 281 -4.58 -5.78 7.92
C VAL A 281 -4.06 -4.65 8.81
N ASP A 282 -4.69 -3.46 8.70
CA ASP A 282 -4.43 -2.31 9.55
C ASP A 282 -5.17 -2.61 10.88
N LEU A 283 -4.42 -2.78 11.97
CA LEU A 283 -5.01 -3.22 13.23
C LEU A 283 -5.76 -2.13 14.01
N ARG A 284 -5.76 -0.88 13.56
CA ARG A 284 -6.37 0.23 14.29
C ARG A 284 -7.87 0.04 14.63
N LYS A 285 -8.75 -0.15 13.64
CA LYS A 285 -10.20 -0.28 13.90
C LYS A 285 -10.53 -1.56 14.73
N PRO A 286 -9.98 -2.77 14.41
CA PRO A 286 -10.28 -3.94 15.25
C PRO A 286 -9.85 -3.74 16.73
N LEU A 287 -8.65 -3.16 16.98
CA LEU A 287 -8.15 -2.89 18.35
C LEU A 287 -8.98 -1.78 19.06
N GLU A 288 -9.43 -0.73 18.35
CA GLU A 288 -10.31 0.30 18.93
C GLU A 288 -11.66 -0.30 19.34
N ASN A 289 -12.18 -1.28 18.56
CA ASN A 289 -13.44 -1.96 18.86
C ASN A 289 -13.33 -2.76 20.14
N LEU A 290 -12.12 -3.22 20.47
CA LEU A 290 -11.86 -3.96 21.70
C LEU A 290 -11.42 -3.00 22.86
N GLY A 291 -11.64 -1.69 22.67
CA GLY A 291 -11.39 -0.67 23.69
C GLY A 291 -10.02 -0.03 23.76
N MET A 292 -9.11 -0.38 22.84
CA MET A 292 -7.75 0.20 22.82
C MET A 292 -7.72 1.44 21.93
N THR A 293 -8.41 2.49 22.37
CA THR A 293 -8.57 3.74 21.60
C THR A 293 -7.43 4.72 21.77
N ASP A 294 -6.96 4.96 23.02
CA ASP A 294 -5.95 5.97 23.35
C ASP A 294 -4.64 5.88 22.57
N MET A 295 -4.10 4.64 22.37
CA MET A 295 -2.79 4.42 21.74
C MET A 295 -2.68 5.03 20.34
N PHE A 296 -3.82 5.22 19.64
CA PHE A 296 -3.78 5.78 18.29
C PHE A 296 -4.05 7.29 18.27
N ARG A 297 -4.37 7.90 19.45
CA ARG A 297 -4.68 9.35 19.51
C ARG A 297 -3.51 10.18 20.00
N GLN A 298 -3.11 11.15 19.17
CA GLN A 298 -1.99 12.09 19.38
C GLN A 298 -1.85 12.57 20.83
N PHE A 299 -2.92 13.11 21.46
CA PHE A 299 -2.71 13.63 22.81
C PHE A 299 -3.23 12.72 23.94
N GLN A 300 -4.07 11.73 23.63
CA GLN A 300 -4.55 10.80 24.63
C GLN A 300 -3.49 9.74 24.94
N ALA A 301 -2.83 9.16 23.88
CA ALA A 301 -1.82 8.09 24.02
C ALA A 301 -0.77 8.35 25.10
N ASP A 302 -0.52 7.35 25.92
CA ASP A 302 0.50 7.46 26.97
C ASP A 302 1.55 6.39 26.73
N PHE A 303 2.69 6.82 26.19
CA PHE A 303 3.86 5.98 25.91
C PHE A 303 5.06 6.48 26.75
N THR A 304 4.77 6.91 27.99
CA THR A 304 5.75 7.49 28.92
C THR A 304 6.76 6.46 29.43
N SER A 305 6.47 5.14 29.38
CA SER A 305 7.47 4.16 29.81
C SER A 305 8.56 4.02 28.72
N LEU A 306 8.26 4.43 27.48
CA LEU A 306 9.22 4.39 26.38
C LEU A 306 9.95 5.76 26.28
N SER A 307 9.19 6.86 26.30
CA SER A 307 9.71 8.23 26.22
C SER A 307 8.81 9.18 27.03
N ASP A 308 9.40 9.88 28.00
CA ASP A 308 8.67 10.83 28.84
C ASP A 308 9.05 12.26 28.48
N GLN A 309 9.41 12.49 27.20
CA GLN A 309 9.88 13.80 26.73
C GLN A 309 8.96 14.39 25.65
N GLU A 310 8.59 13.58 24.66
CA GLU A 310 7.81 14.06 23.52
C GLU A 310 6.47 13.34 23.35
N PRO A 311 5.48 13.96 22.66
CA PRO A 311 4.21 13.26 22.42
C PRO A 311 4.40 12.10 21.43
N LEU A 312 3.87 10.90 21.80
CA LEU A 312 3.97 9.68 21.03
C LEU A 312 2.62 9.03 20.86
N HIS A 313 2.40 8.43 19.70
CA HIS A 313 1.20 7.64 19.44
C HIS A 313 1.56 6.65 18.36
N VAL A 314 0.80 5.58 18.25
CA VAL A 314 1.01 4.55 17.21
C VAL A 314 0.47 5.12 15.91
N ALA A 315 1.37 5.37 14.93
CA ALA A 315 0.92 5.88 13.65
C ALA A 315 0.40 4.74 12.76
N LEU A 316 0.90 3.51 12.97
CA LEU A 316 0.58 2.39 12.11
C LEU A 316 0.83 1.08 12.80
N ALA A 317 -0.17 0.20 12.78
CA ALA A 317 -0.09 -1.12 13.37
C ALA A 317 -0.57 -2.08 12.30
N LEU A 318 0.34 -2.92 11.79
CA LEU A 318 0.00 -3.82 10.71
C LEU A 318 0.35 -5.26 11.03
N GLN A 319 -0.48 -6.17 10.52
CA GLN A 319 -0.20 -7.61 10.51
C GLN A 319 -0.26 -8.08 9.04
N LYS A 320 0.74 -8.83 8.59
CA LYS A 320 0.70 -9.41 7.25
C LYS A 320 0.91 -10.90 7.39
N VAL A 321 -0.01 -11.67 6.82
CA VAL A 321 0.03 -13.14 6.90
C VAL A 321 -0.11 -13.74 5.51
N LYS A 322 0.66 -14.79 5.25
CA LYS A 322 0.56 -15.56 4.02
C LYS A 322 0.46 -17.03 4.45
N ILE A 323 -0.57 -17.73 3.94
CA ILE A 323 -0.80 -19.14 4.22
C ILE A 323 -1.00 -19.89 2.93
N GLU A 324 -0.43 -21.10 2.86
CA GLU A 324 -0.58 -21.94 1.68
C GLU A 324 -1.10 -23.32 2.09
N VAL A 325 -2.10 -23.80 1.35
CA VAL A 325 -2.69 -25.11 1.52
C VAL A 325 -2.68 -25.80 0.16
N ASN A 326 -1.86 -26.85 0.04
CA ASN A 326 -1.74 -27.66 -1.18
C ASN A 326 -1.64 -29.12 -0.75
N GLU A 327 -1.31 -30.00 -1.68
CA GLU A 327 -1.32 -31.45 -1.46
C GLU A 327 -0.31 -31.96 -0.46
N SER A 328 0.86 -31.31 -0.31
CA SER A 328 1.91 -31.75 0.61
C SER A 328 2.28 -30.67 1.62
N PRO A 346 -17.61 -44.92 0.86
CA PRO A 346 -17.42 -44.07 2.05
C PRO A 346 -18.13 -42.71 1.92
N GLU A 347 -18.75 -42.27 3.03
CA GLU A 347 -19.47 -41.00 3.11
C GLU A 347 -18.50 -39.86 2.79
N GLU A 348 -18.95 -38.94 1.94
CA GLU A 348 -18.12 -37.82 1.50
C GLU A 348 -18.42 -36.54 2.28
N ILE A 349 -17.39 -35.71 2.45
CA ILE A 349 -17.43 -34.38 3.05
C ILE A 349 -16.84 -33.45 1.99
N ILE A 350 -17.70 -32.67 1.31
CA ILE A 350 -17.30 -31.78 0.23
C ILE A 350 -17.33 -30.38 0.76
N ILE A 351 -16.17 -29.71 0.75
CA ILE A 351 -16.06 -28.34 1.23
C ILE A 351 -16.16 -27.44 -0.01
N ASP A 352 -17.37 -27.27 -0.54
CA ASP A 352 -17.60 -26.51 -1.77
C ASP A 352 -18.41 -25.23 -1.48
N ARG A 353 -18.17 -24.64 -0.31
CA ARG A 353 -18.84 -23.42 0.15
C ARG A 353 -17.90 -22.73 1.13
N PRO A 354 -18.09 -21.43 1.46
CA PRO A 354 -17.15 -20.77 2.38
C PRO A 354 -16.95 -21.53 3.70
N PHE A 355 -15.70 -21.54 4.16
CA PHE A 355 -15.34 -22.28 5.35
C PHE A 355 -14.29 -21.56 6.18
N LEU A 356 -14.25 -21.88 7.46
CA LEU A 356 -13.24 -21.41 8.39
C LEU A 356 -12.11 -22.43 8.49
N PHE A 357 -10.88 -21.96 8.76
CA PHE A 357 -9.73 -22.82 9.01
C PHE A 357 -9.06 -22.25 10.26
N VAL A 358 -8.41 -23.14 11.03
CA VAL A 358 -7.69 -22.82 12.26
C VAL A 358 -6.41 -23.68 12.28
N VAL A 359 -5.23 -23.06 12.46
CA VAL A 359 -3.98 -23.80 12.61
C VAL A 359 -3.63 -23.72 14.09
N ARG A 360 -3.53 -24.87 14.72
CA ARG A 360 -3.32 -24.97 16.15
C ARG A 360 -2.06 -25.74 16.52
N HIS A 361 -1.29 -25.22 17.49
CA HIS A 361 -0.16 -25.91 18.11
C HIS A 361 -0.78 -26.71 19.26
N ASN A 362 -1.00 -28.00 19.03
CA ASN A 362 -1.69 -28.93 19.96
C ASN A 362 -1.00 -29.11 21.34
N PRO A 363 0.34 -29.18 21.50
CA PRO A 363 0.88 -29.33 22.86
C PRO A 363 0.59 -28.14 23.79
N THR A 364 0.61 -26.90 23.28
CA THR A 364 0.35 -25.71 24.08
C THR A 364 -1.12 -25.22 23.96
N GLY A 365 -1.78 -25.55 22.85
CA GLY A 365 -3.13 -25.08 22.56
C GLY A 365 -3.16 -23.74 21.84
N THR A 366 -1.99 -23.24 21.38
CA THR A 366 -1.89 -21.93 20.71
C THR A 366 -2.59 -21.92 19.34
N VAL A 367 -3.48 -20.93 19.14
CA VAL A 367 -4.13 -20.72 17.85
C VAL A 367 -3.15 -19.83 17.07
N LEU A 368 -2.40 -20.45 16.16
CA LEU A 368 -1.38 -19.76 15.39
C LEU A 368 -1.98 -19.01 14.21
N PHE A 369 -2.94 -19.61 13.49
CA PHE A 369 -3.59 -18.99 12.32
C PHE A 369 -5.04 -19.27 12.32
N MET A 370 -5.75 -18.37 11.66
CA MET A 370 -7.18 -18.40 11.58
C MET A 370 -7.58 -17.68 10.30
N GLY A 371 -8.62 -18.17 9.63
CA GLY A 371 -9.08 -17.53 8.43
C GLY A 371 -10.41 -17.99 7.93
N GLN A 372 -10.95 -17.24 7.00
CA GLN A 372 -12.19 -17.57 6.32
C GLN A 372 -11.85 -17.58 4.85
N VAL A 373 -12.24 -18.65 4.16
CA VAL A 373 -12.03 -18.79 2.73
C VAL A 373 -13.41 -18.62 2.12
N MET A 374 -13.64 -17.45 1.54
CA MET A 374 -14.90 -17.10 0.89
C MET A 374 -14.83 -17.45 -0.59
N GLU A 375 -13.62 -17.44 -1.16
CA GLU A 375 -13.39 -17.79 -2.56
C GLU A 375 -11.96 -18.27 -2.74
N PRO A 376 -11.73 -19.60 -2.92
CA PRO A 376 -10.36 -20.09 -3.11
C PRO A 376 -9.72 -19.55 -4.40
N ALA B 1 20.48 0.19 -12.55
CA ALA B 1 20.63 1.52 -11.94
C ALA B 1 19.54 2.54 -12.37
N PRO B 2 19.03 2.60 -13.65
CA PRO B 2 18.00 3.61 -13.98
C PRO B 2 16.65 3.29 -13.31
N SER B 3 16.30 2.00 -13.21
CA SER B 3 15.08 1.53 -12.56
C SER B 3 15.11 1.79 -11.04
N TYR B 4 16.30 1.75 -10.39
CA TYR B 4 16.40 2.07 -8.95
C TYR B 4 16.07 3.58 -8.72
N VAL B 5 16.69 4.46 -9.51
CA VAL B 5 16.49 5.90 -9.43
C VAL B 5 15.05 6.26 -9.85
N ALA B 6 14.53 5.58 -10.90
CA ALA B 6 13.15 5.72 -11.37
C ALA B 6 12.16 5.45 -10.21
N HIS B 7 12.49 4.44 -9.38
CA HIS B 7 11.73 4.00 -8.21
C HIS B 7 11.77 5.10 -7.15
N LEU B 8 12.96 5.66 -6.85
CA LEU B 8 13.07 6.72 -5.84
C LEU B 8 12.39 8.00 -6.29
N ALA B 9 12.51 8.34 -7.58
CA ALA B 9 11.97 9.57 -8.15
C ALA B 9 10.47 9.52 -8.17
N SER B 10 9.90 8.38 -8.58
CA SER B 10 8.44 8.15 -8.64
C SER B 10 7.81 8.24 -7.26
N ASP B 11 8.38 7.49 -6.26
CA ASP B 11 7.91 7.47 -4.87
C ASP B 11 7.95 8.87 -4.27
N PHE B 12 9.01 9.67 -4.52
CA PHE B 12 8.99 11.05 -4.01
C PHE B 12 7.85 11.87 -4.66
N GLY B 13 7.70 11.76 -5.98
CA GLY B 13 6.66 12.48 -6.73
C GLY B 13 5.25 12.08 -6.32
N VAL B 14 5.08 10.79 -5.92
CA VAL B 14 3.82 10.26 -5.41
C VAL B 14 3.51 10.93 -4.05
N ARG B 15 4.55 11.07 -3.19
CA ARG B 15 4.37 11.74 -1.89
C ARG B 15 3.99 13.21 -2.14
N VAL B 16 4.52 13.85 -3.21
CA VAL B 16 4.10 15.22 -3.53
C VAL B 16 2.61 15.18 -3.96
N PHE B 17 2.23 14.19 -4.82
CA PHE B 17 0.85 14.07 -5.26
C PHE B 17 -0.11 13.92 -4.05
N GLN B 18 0.27 13.11 -3.04
CA GLN B 18 -0.57 12.91 -1.83
C GLN B 18 -0.85 14.21 -1.14
N GLN B 19 0.14 15.13 -1.13
CA GLN B 19 -0.06 16.43 -0.48
C GLN B 19 -1.02 17.30 -1.31
N VAL B 20 -0.92 17.26 -2.67
CA VAL B 20 -1.77 18.08 -3.54
C VAL B 20 -3.23 17.55 -3.43
N ALA B 21 -3.42 16.23 -3.52
CA ALA B 21 -4.72 15.55 -3.41
C ALA B 21 -5.42 15.90 -2.07
N GLN B 22 -4.68 15.87 -0.93
CA GLN B 22 -5.17 16.24 0.40
C GLN B 22 -5.69 17.69 0.47
N ALA B 23 -5.02 18.61 -0.22
CA ALA B 23 -5.41 20.02 -0.25
C ALA B 23 -6.47 20.29 -1.34
N SER B 24 -6.84 19.26 -2.14
CA SER B 24 -7.80 19.43 -3.23
C SER B 24 -8.90 18.38 -3.18
N LYS B 25 -9.57 18.28 -2.03
CA LYS B 25 -10.64 17.31 -1.85
C LYS B 25 -11.81 17.65 -2.78
N ASP B 26 -12.30 16.63 -3.47
CA ASP B 26 -13.43 16.66 -4.40
C ASP B 26 -13.13 17.43 -5.71
N ARG B 27 -11.90 17.90 -5.93
CA ARG B 27 -11.53 18.55 -7.18
C ARG B 27 -10.70 17.63 -8.06
N ASN B 28 -10.82 17.79 -9.38
CA ASN B 28 -9.98 17.06 -10.35
C ASN B 28 -8.55 17.47 -10.14
N VAL B 29 -7.61 16.52 -10.12
CA VAL B 29 -6.19 16.82 -9.99
C VAL B 29 -5.44 15.95 -10.95
N VAL B 30 -4.64 16.55 -11.83
CA VAL B 30 -3.75 15.79 -12.70
C VAL B 30 -2.33 16.26 -12.37
N PHE B 31 -1.38 15.33 -12.24
CA PHE B 31 -0.04 15.65 -11.75
C PHE B 31 1.01 14.73 -12.34
N SER B 32 2.30 15.16 -12.31
CA SER B 32 3.38 14.31 -12.77
C SER B 32 4.41 14.03 -11.66
N PRO B 33 4.36 12.83 -11.01
CA PRO B 33 5.40 12.48 -9.99
C PRO B 33 6.81 12.53 -10.57
N TYR B 34 7.02 11.97 -11.76
CA TYR B 34 8.28 12.02 -12.50
C TYR B 34 8.76 13.46 -12.70
N GLY B 35 7.86 14.33 -13.20
CA GLY B 35 8.19 15.73 -13.50
C GLY B 35 8.65 16.53 -12.30
N VAL B 36 7.99 16.38 -11.12
CA VAL B 36 8.39 17.13 -9.91
C VAL B 36 9.75 16.64 -9.38
N ALA B 37 9.98 15.31 -9.44
CA ALA B 37 11.24 14.71 -9.00
C ALA B 37 12.39 15.15 -9.91
N SER B 38 12.16 15.22 -11.22
CA SER B 38 13.19 15.62 -12.19
C SER B 38 13.63 17.09 -11.96
N VAL B 39 12.67 18.02 -11.76
CA VAL B 39 13.00 19.44 -11.56
C VAL B 39 13.66 19.65 -10.17
N LEU B 40 13.23 18.91 -9.15
CA LEU B 40 13.80 19.06 -7.82
C LEU B 40 15.19 18.41 -7.72
N ALA B 41 15.48 17.37 -8.53
CA ALA B 41 16.81 16.73 -8.59
C ALA B 41 17.84 17.76 -9.08
N MET B 42 17.45 18.59 -10.08
CA MET B 42 18.28 19.66 -10.66
C MET B 42 18.49 20.77 -9.65
N LEU B 43 17.41 21.16 -8.94
CA LEU B 43 17.48 22.18 -7.90
C LEU B 43 18.42 21.76 -6.76
N GLN B 44 18.58 20.42 -6.49
CA GLN B 44 19.53 19.97 -5.47
C GLN B 44 20.93 20.55 -5.66
N LEU B 45 21.40 20.64 -6.94
CA LEU B 45 22.73 21.14 -7.27
C LEU B 45 22.96 22.60 -6.85
N THR B 46 21.90 23.41 -6.81
CA THR B 46 21.99 24.83 -6.44
C THR B 46 22.03 25.08 -4.93
N THR B 47 21.66 24.07 -4.12
CA THR B 47 21.51 24.25 -2.68
C THR B 47 22.75 23.88 -1.86
N GLY B 48 22.76 24.35 -0.62
CA GLY B 48 23.77 24.04 0.39
C GLY B 48 23.14 23.95 1.79
N GLY B 49 23.96 23.62 2.80
CA GLY B 49 23.55 23.52 4.19
C GLY B 49 22.28 22.72 4.46
N GLU B 50 21.39 23.27 5.31
CA GLU B 50 20.12 22.68 5.72
C GLU B 50 19.11 22.59 4.56
N THR B 51 19.13 23.56 3.61
CA THR B 51 18.24 23.54 2.42
C THR B 51 18.50 22.28 1.61
N GLN B 52 19.80 22.00 1.37
CA GLN B 52 20.25 20.80 0.68
C GLN B 52 19.84 19.55 1.48
N GLN B 53 20.07 19.54 2.81
CA GLN B 53 19.68 18.37 3.66
C GLN B 53 18.19 18.05 3.58
N GLN B 54 17.32 19.07 3.63
CA GLN B 54 15.87 18.92 3.58
C GLN B 54 15.40 18.28 2.28
N ILE B 55 15.94 18.72 1.11
CA ILE B 55 15.57 18.19 -0.21
C ILE B 55 16.06 16.73 -0.35
N GLN B 56 17.32 16.46 0.02
CA GLN B 56 17.92 15.12 -0.07
C GLN B 56 17.18 14.11 0.80
N ALA B 57 16.86 14.48 2.05
CA ALA B 57 16.13 13.58 2.95
C ALA B 57 14.73 13.35 2.41
N ALA B 58 14.08 14.39 1.85
CA ALA B 58 12.74 14.21 1.26
C ALA B 58 12.77 13.37 -0.01
N MET B 59 13.77 13.58 -0.88
CA MET B 59 13.83 12.85 -2.15
C MET B 59 14.39 11.43 -2.01
N GLY B 60 15.21 11.21 -0.98
CA GLY B 60 15.79 9.89 -0.72
C GLY B 60 17.05 9.59 -1.51
N PHE B 61 17.66 10.60 -2.16
CA PHE B 61 18.91 10.45 -2.92
C PHE B 61 19.60 11.81 -3.13
N LYS B 62 20.93 11.77 -3.28
CA LYS B 62 21.75 12.95 -3.59
C LYS B 62 22.09 12.90 -5.05
N ILE B 63 21.81 13.97 -5.80
CA ILE B 63 22.03 14.02 -7.25
C ILE B 63 23.53 13.86 -7.63
N ASP B 64 24.46 14.32 -6.77
CA ASP B 64 25.91 14.23 -7.00
C ASP B 64 26.47 12.84 -6.72
N ASP B 65 25.66 11.90 -6.18
CA ASP B 65 26.12 10.54 -5.88
C ASP B 65 26.30 9.72 -7.16
N LYS B 66 27.26 8.76 -7.11
CA LYS B 66 27.65 7.88 -8.22
C LYS B 66 26.43 7.16 -8.85
N GLY B 67 26.28 7.34 -10.16
CA GLY B 67 25.21 6.75 -10.97
C GLY B 67 23.85 7.42 -10.91
N MET B 68 23.66 8.43 -10.05
CA MET B 68 22.34 9.06 -9.93
C MET B 68 22.01 9.95 -11.14
N ALA B 69 22.85 10.93 -11.48
CA ALA B 69 22.58 11.79 -12.64
C ALA B 69 22.66 10.98 -13.96
N PRO B 70 23.60 10.03 -14.19
CA PRO B 70 23.54 9.26 -15.45
C PRO B 70 22.24 8.46 -15.59
N ALA B 71 21.73 7.86 -14.47
CA ALA B 71 20.50 7.08 -14.50
C ALA B 71 19.30 7.94 -14.86
N LEU B 72 19.24 9.18 -14.31
CA LEU B 72 18.17 10.12 -14.65
C LEU B 72 18.29 10.61 -16.10
N ARG B 73 19.52 10.78 -16.62
CA ARG B 73 19.71 11.17 -18.03
C ARG B 73 19.17 10.08 -18.93
N HIS B 74 19.51 8.81 -18.63
CA HIS B 74 19.05 7.65 -19.39
C HIS B 74 17.53 7.54 -19.38
N LEU B 75 16.89 7.80 -18.24
CA LEU B 75 15.44 7.75 -18.12
C LEU B 75 14.82 8.81 -19.04
N TYR B 76 15.30 10.08 -18.98
CA TYR B 76 14.78 11.13 -19.83
C TYR B 76 14.89 10.76 -21.33
N LYS B 77 16.05 10.23 -21.78
CA LYS B 77 16.29 9.88 -23.18
C LYS B 77 15.33 8.80 -23.63
N GLU B 78 15.11 7.78 -22.78
CA GLU B 78 14.15 6.69 -23.01
C GLU B 78 12.72 7.22 -23.18
N LEU B 79 12.29 8.19 -22.32
CA LEU B 79 10.95 8.79 -22.38
C LEU B 79 10.72 9.58 -23.65
N MET B 80 11.79 10.17 -24.18
CA MET B 80 11.74 10.97 -25.39
C MET B 80 12.17 10.15 -26.62
N GLY B 81 12.24 8.83 -26.47
CA GLY B 81 12.59 7.90 -27.55
C GLY B 81 11.65 7.92 -28.74
N PRO B 82 11.99 7.21 -29.85
CA PRO B 82 11.12 7.22 -31.05
C PRO B 82 9.73 6.57 -30.89
N TRP B 83 9.53 5.71 -29.88
CA TRP B 83 8.22 5.06 -29.59
C TRP B 83 7.14 6.14 -29.29
N ASN B 84 7.56 7.28 -28.71
CA ASN B 84 6.73 8.40 -28.30
C ASN B 84 6.25 9.18 -29.53
N LYS B 85 4.98 8.95 -29.95
CA LYS B 85 4.46 9.60 -31.15
C LYS B 85 3.79 10.93 -30.76
N ASP B 86 4.60 11.87 -30.18
CA ASP B 86 4.15 13.17 -29.63
C ASP B 86 3.04 12.94 -28.58
N GLU B 87 3.16 11.85 -27.85
CA GLU B 87 2.21 11.46 -26.83
C GLU B 87 2.55 12.16 -25.54
N ILE B 88 3.85 12.39 -25.27
CA ILE B 88 4.30 13.11 -24.09
C ILE B 88 5.33 14.17 -24.49
N SER B 89 5.05 15.41 -24.07
CA SER B 89 5.90 16.60 -24.17
C SER B 89 6.16 17.09 -22.74
N THR B 90 7.43 17.16 -22.34
CA THR B 90 7.83 17.57 -21.00
C THR B 90 8.94 18.63 -21.08
N THR B 91 9.02 19.47 -20.02
CA THR B 91 10.05 20.47 -19.85
C THR B 91 10.17 20.90 -18.38
N ASP B 92 11.41 21.12 -17.96
CA ASP B 92 11.86 21.63 -16.67
C ASP B 92 12.68 22.83 -16.92
N ALA B 93 12.70 23.80 -16.02
CA ALA B 93 13.59 24.95 -16.14
C ALA B 93 13.71 25.67 -14.82
N ILE B 94 14.94 26.08 -14.52
CA ILE B 94 15.27 26.90 -13.34
C ILE B 94 15.69 28.25 -13.92
N PHE B 95 15.03 29.34 -13.51
CA PHE B 95 15.36 30.70 -13.96
C PHE B 95 15.94 31.47 -12.82
N VAL B 96 17.09 32.12 -13.05
CA VAL B 96 17.75 32.89 -11.99
C VAL B 96 18.03 34.30 -12.52
N GLN B 97 18.13 35.28 -11.61
CA GLN B 97 18.46 36.66 -11.89
C GLN B 97 19.80 36.73 -12.64
N ARG B 98 19.82 37.43 -13.80
CA ARG B 98 20.97 37.55 -14.70
C ARG B 98 22.20 38.27 -14.10
N ASP B 99 22.03 39.30 -13.27
CA ASP B 99 23.23 40.02 -12.79
C ASP B 99 23.91 39.36 -11.57
N LEU B 100 23.37 38.24 -11.08
CA LEU B 100 23.90 37.54 -9.91
C LEU B 100 25.24 36.87 -10.20
N LYS B 101 26.26 37.14 -9.36
CA LYS B 101 27.59 36.54 -9.39
C LYS B 101 27.47 35.04 -8.99
N LEU B 102 27.52 34.15 -9.98
CA LEU B 102 27.37 32.71 -9.75
C LEU B 102 28.69 32.08 -9.29
N VAL B 103 28.58 30.93 -8.58
CA VAL B 103 29.74 30.18 -8.09
C VAL B 103 30.48 29.65 -9.31
N GLN B 104 31.80 29.82 -9.31
CA GLN B 104 32.72 29.38 -10.35
C GLN B 104 32.58 27.88 -10.54
N GLY B 105 32.36 27.47 -11.78
CA GLY B 105 32.20 26.06 -12.13
C GLY B 105 30.81 25.48 -11.90
N PHE B 106 29.84 26.27 -11.39
CA PHE B 106 28.46 25.75 -11.21
C PHE B 106 27.80 25.38 -12.57
N MET B 107 27.81 26.30 -13.55
CA MET B 107 27.15 26.12 -14.86
C MET B 107 27.75 24.93 -15.62
N PRO B 108 29.09 24.77 -15.73
CA PRO B 108 29.62 23.57 -16.40
C PRO B 108 29.27 22.29 -15.64
N HIS B 109 29.27 22.31 -14.29
CA HIS B 109 28.91 21.12 -13.49
C HIS B 109 27.44 20.72 -13.72
N PHE B 110 26.54 21.73 -13.79
CA PHE B 110 25.11 21.51 -14.04
C PHE B 110 24.92 20.89 -15.44
N PHE B 111 25.69 21.36 -16.44
CA PHE B 111 25.59 20.87 -17.81
C PHE B 111 26.06 19.42 -17.90
N ARG B 112 27.20 19.10 -17.28
CA ARG B 112 27.73 17.74 -17.25
C ARG B 112 26.66 16.74 -16.72
N LEU B 113 25.91 17.12 -15.68
CA LEU B 113 24.95 16.24 -15.03
C LEU B 113 23.58 16.19 -15.73
N PHE B 114 23.08 17.32 -16.27
CA PHE B 114 21.75 17.36 -16.86
C PHE B 114 21.70 17.66 -18.34
N ARG B 115 22.82 18.08 -18.98
CA ARG B 115 22.88 18.41 -20.41
C ARG B 115 21.91 19.57 -20.74
N SER B 116 21.69 20.45 -19.74
CA SER B 116 20.84 21.64 -19.76
C SER B 116 21.54 22.75 -19.01
N THR B 117 20.99 23.95 -19.09
CA THR B 117 21.47 25.09 -18.31
C THR B 117 20.35 25.68 -17.44
N VAL B 118 20.76 26.43 -16.43
CA VAL B 118 19.93 27.28 -15.61
C VAL B 118 19.76 28.55 -16.46
N LYS B 119 18.51 29.03 -16.68
CA LYS B 119 18.38 30.21 -17.54
C LYS B 119 18.53 31.47 -16.74
N GLN B 120 19.20 32.47 -17.32
CA GLN B 120 19.42 33.75 -16.68
C GLN B 120 18.47 34.76 -17.32
N VAL B 121 17.66 35.40 -16.46
CA VAL B 121 16.66 36.38 -16.89
C VAL B 121 16.78 37.62 -16.01
N ASP B 122 16.46 38.78 -16.57
CA ASP B 122 16.47 40.03 -15.79
C ASP B 122 15.05 40.28 -15.26
N PHE B 123 14.82 39.93 -13.98
CA PHE B 123 13.51 40.06 -13.34
C PHE B 123 13.11 41.53 -13.11
N SER B 124 14.04 42.52 -13.32
CA SER B 124 13.73 43.97 -13.23
C SER B 124 12.72 44.36 -14.31
N GLU B 125 12.84 43.72 -15.50
CA GLU B 125 11.97 43.84 -16.67
C GLU B 125 10.90 42.77 -16.51
N VAL B 126 9.95 43.03 -15.59
CA VAL B 126 8.91 42.09 -15.15
C VAL B 126 8.11 41.49 -16.33
N GLU B 127 7.55 42.33 -17.23
CA GLU B 127 6.75 41.85 -18.35
C GLU B 127 7.56 40.97 -19.31
N ARG B 128 8.82 41.33 -19.56
CA ARG B 128 9.73 40.55 -20.41
C ARG B 128 10.07 39.22 -19.72
N ALA B 129 10.30 39.24 -18.39
CA ALA B 129 10.64 38.07 -17.61
C ALA B 129 9.49 37.04 -17.64
N ARG B 130 8.22 37.47 -17.50
CA ARG B 130 7.03 36.59 -17.58
C ARG B 130 6.87 36.06 -18.98
N PHE B 131 7.13 36.91 -19.99
CA PHE B 131 7.08 36.51 -21.38
C PHE B 131 8.08 35.38 -21.65
N ILE B 132 9.35 35.52 -21.17
CA ILE B 132 10.42 34.53 -21.39
C ILE B 132 10.07 33.20 -20.75
N ILE B 133 9.49 33.21 -19.53
CA ILE B 133 9.13 31.94 -18.86
C ILE B 133 7.96 31.26 -19.61
N ASN B 134 6.91 32.01 -19.98
CA ASN B 134 5.75 31.42 -20.67
C ASN B 134 6.15 30.90 -22.06
N ASP B 135 7.04 31.62 -22.75
CA ASP B 135 7.57 31.26 -24.07
C ASP B 135 8.41 30.00 -24.00
N TRP B 136 9.23 29.85 -22.94
CA TRP B 136 10.05 28.66 -22.73
C TRP B 136 9.13 27.42 -22.72
N VAL B 137 8.04 27.50 -21.94
CA VAL B 137 7.08 26.43 -21.79
C VAL B 137 6.36 26.16 -23.11
N LYS B 138 5.96 27.21 -23.83
CA LYS B 138 5.28 27.05 -25.11
C LYS B 138 6.16 26.31 -26.12
N THR B 139 7.42 26.75 -26.29
CA THR B 139 8.34 26.17 -27.29
C THR B 139 8.84 24.77 -26.89
N HIS B 140 8.75 24.40 -25.61
CA HIS B 140 9.25 23.10 -25.18
C HIS B 140 8.15 22.07 -24.92
N THR B 141 6.89 22.41 -25.23
CA THR B 141 5.74 21.49 -25.06
C THR B 141 4.96 21.37 -26.36
N LYS B 142 5.57 21.79 -27.48
CA LYS B 142 4.97 21.80 -28.82
C LYS B 142 3.68 22.65 -28.82
N GLY B 143 3.70 23.77 -28.10
CA GLY B 143 2.59 24.71 -27.99
C GLY B 143 1.40 24.22 -27.17
N MET B 144 1.48 23.01 -26.57
CA MET B 144 0.38 22.44 -25.78
C MET B 144 0.14 23.20 -24.47
N ILE B 145 1.21 23.68 -23.82
CA ILE B 145 1.12 24.52 -22.61
C ILE B 145 1.83 25.85 -22.95
N SER B 146 1.10 26.96 -22.91
CA SER B 146 1.70 28.24 -23.32
C SER B 146 1.61 29.35 -22.26
N HIS B 147 0.87 29.12 -21.17
CA HIS B 147 0.70 30.12 -20.11
C HIS B 147 0.64 29.49 -18.73
N LEU B 148 1.40 30.05 -17.78
CA LEU B 148 1.39 29.63 -16.39
C LEU B 148 0.76 30.74 -15.58
N LEU B 149 -0.31 30.43 -14.84
CA LEU B 149 -1.02 31.41 -14.01
C LEU B 149 -0.09 32.02 -12.98
N GLY B 150 0.77 31.18 -12.41
CA GLY B 150 1.73 31.51 -11.39
C GLY B 150 2.79 32.51 -11.81
N THR B 151 3.07 32.65 -13.14
CA THR B 151 4.05 33.66 -13.62
C THR B 151 3.55 35.08 -13.34
N GLY B 152 2.25 35.20 -13.05
CA GLY B 152 1.66 36.48 -12.71
C GLY B 152 2.26 37.08 -11.45
N ALA B 153 2.73 36.20 -10.53
CA ALA B 153 3.36 36.58 -9.25
C ALA B 153 4.79 37.10 -9.38
N VAL B 154 5.45 36.90 -10.54
CA VAL B 154 6.83 37.41 -10.77
C VAL B 154 6.84 38.96 -10.56
N ASP B 155 7.81 39.48 -9.80
CA ASP B 155 7.97 40.92 -9.57
C ASP B 155 9.46 41.31 -9.66
N GLN B 156 9.78 42.60 -9.42
CA GLN B 156 11.14 43.16 -9.49
C GLN B 156 12.09 42.48 -8.47
N LEU B 157 11.52 42.02 -7.33
CA LEU B 157 12.23 41.35 -6.23
C LEU B 157 12.45 39.84 -6.48
N THR B 158 11.85 39.26 -7.53
CA THR B 158 12.02 37.84 -7.85
C THR B 158 13.49 37.56 -8.23
N ARG B 159 14.09 36.47 -7.72
CA ARG B 159 15.46 36.12 -8.07
C ARG B 159 15.60 34.69 -8.56
N LEU B 160 14.70 33.77 -8.15
CA LEU B 160 14.79 32.35 -8.49
C LEU B 160 13.39 31.72 -8.72
N VAL B 161 13.19 31.13 -9.91
CA VAL B 161 11.93 30.53 -10.34
C VAL B 161 12.20 29.11 -10.83
N LEU B 162 11.32 28.18 -10.43
CA LEU B 162 11.35 26.77 -10.79
C LEU B 162 10.05 26.45 -11.55
N VAL B 163 10.16 25.86 -12.76
CA VAL B 163 8.99 25.54 -13.59
C VAL B 163 9.06 24.09 -14.15
N ASN B 164 7.88 23.42 -14.25
CA ASN B 164 7.75 22.08 -14.82
C ASN B 164 6.40 21.98 -15.57
N ALA B 165 6.45 21.58 -16.84
CA ALA B 165 5.25 21.50 -17.67
C ALA B 165 5.21 20.24 -18.49
N LEU B 166 4.09 19.52 -18.44
CA LEU B 166 3.98 18.26 -19.17
C LEU B 166 2.62 18.15 -19.85
N TYR B 167 2.63 17.56 -21.04
CA TYR B 167 1.44 17.24 -21.80
C TYR B 167 1.41 15.76 -22.09
N PHE B 168 0.23 15.14 -21.96
CA PHE B 168 0.08 13.72 -22.26
C PHE B 168 -1.23 13.40 -22.99
N ASN B 169 -1.08 12.65 -24.09
CA ASN B 169 -2.20 12.14 -24.89
C ASN B 169 -1.73 10.84 -25.53
N GLY B 170 -2.02 9.72 -24.87
CA GLY B 170 -1.55 8.44 -25.35
C GLY B 170 -2.37 7.73 -26.42
N GLN B 171 -1.69 6.96 -27.27
CA GLN B 171 -2.32 6.12 -28.28
C GLN B 171 -2.44 4.71 -27.72
N TRP B 172 -3.68 4.25 -27.51
CA TRP B 172 -4.00 2.94 -26.95
C TRP B 172 -3.48 1.80 -27.83
N LYS B 173 -3.12 0.65 -27.21
CA LYS B 173 -2.76 -0.57 -27.95
C LYS B 173 -4.00 -1.01 -28.76
N THR B 174 -5.18 -0.97 -28.13
CA THR B 174 -6.48 -1.26 -28.74
C THR B 174 -7.35 -0.01 -28.56
N PRO B 175 -7.52 0.80 -29.62
CA PRO B 175 -8.37 2.01 -29.48
C PRO B 175 -9.83 1.68 -29.16
N PHE B 176 -10.51 2.56 -28.41
CA PHE B 176 -11.95 2.42 -28.10
C PHE B 176 -12.70 2.75 -29.39
N PRO B 177 -13.65 1.91 -29.89
CA PRO B 177 -14.33 2.26 -31.16
C PRO B 177 -15.11 3.55 -31.02
N ASP B 178 -14.96 4.47 -32.01
CA ASP B 178 -15.62 5.78 -32.05
C ASP B 178 -17.14 5.70 -31.89
N SER B 179 -17.77 4.72 -32.54
CA SER B 179 -19.22 4.53 -32.55
C SER B 179 -19.79 4.12 -31.17
N SER B 180 -18.99 3.49 -30.30
CA SER B 180 -19.42 3.09 -28.95
C SER B 180 -19.49 4.27 -27.95
N THR B 181 -18.95 5.45 -28.29
CA THR B 181 -18.92 6.63 -27.40
C THR B 181 -20.33 7.21 -27.27
N HIS B 182 -20.79 7.32 -26.02
CA HIS B 182 -22.15 7.77 -25.68
C HIS B 182 -22.16 8.61 -24.39
N ARG B 183 -23.19 9.43 -24.19
CA ARG B 183 -23.35 10.18 -22.95
C ARG B 183 -23.96 9.25 -21.92
N ARG B 184 -23.35 9.18 -20.72
CA ARG B 184 -23.83 8.35 -19.62
C ARG B 184 -23.73 9.13 -18.30
N LEU B 185 -24.53 8.72 -17.31
CA LEU B 185 -24.58 9.35 -15.99
C LEU B 185 -23.31 9.08 -15.15
N PHE B 186 -22.73 10.14 -14.60
CA PHE B 186 -21.58 10.08 -13.72
C PHE B 186 -22.01 10.54 -12.33
N HIS B 187 -21.65 9.76 -11.33
CA HIS B 187 -21.97 10.02 -9.92
C HIS B 187 -20.83 10.78 -9.22
N LYS B 188 -21.09 12.05 -8.85
CA LYS B 188 -20.12 12.89 -8.16
C LYS B 188 -20.08 12.52 -6.68
N SER B 189 -19.00 12.91 -5.97
CA SER B 189 -18.78 12.58 -4.54
C SER B 189 -19.81 13.23 -3.56
N ASP B 190 -20.46 14.35 -3.95
CA ASP B 190 -21.45 15.03 -3.09
C ASP B 190 -22.85 14.41 -3.21
N GLY B 191 -23.05 13.56 -4.21
CA GLY B 191 -24.34 12.92 -4.45
C GLY B 191 -25.06 13.44 -5.67
N SER B 192 -24.61 14.57 -6.23
CA SER B 192 -25.20 15.12 -7.45
C SER B 192 -24.70 14.31 -8.66
N THR B 193 -25.39 14.43 -9.80
CA THR B 193 -25.07 13.68 -11.02
C THR B 193 -24.87 14.59 -12.22
N VAL B 194 -24.06 14.12 -13.17
CA VAL B 194 -23.79 14.80 -14.44
C VAL B 194 -23.79 13.76 -15.52
N SER B 195 -24.01 14.18 -16.76
CA SER B 195 -24.00 13.31 -17.92
C SER B 195 -22.74 13.64 -18.68
N VAL B 196 -21.87 12.66 -18.93
CA VAL B 196 -20.57 12.92 -19.59
C VAL B 196 -20.32 11.90 -20.73
N PRO B 197 -19.53 12.25 -21.79
CA PRO B 197 -19.22 11.24 -22.82
C PRO B 197 -18.36 10.12 -22.22
N MET B 198 -18.74 8.88 -22.52
CA MET B 198 -18.07 7.68 -22.05
C MET B 198 -17.73 6.76 -23.22
N MET B 199 -16.55 6.16 -23.17
CA MET B 199 -16.04 5.22 -24.17
C MET B 199 -16.37 3.81 -23.72
N ALA B 200 -16.53 2.90 -24.68
CA ALA B 200 -16.82 1.51 -24.37
C ALA B 200 -15.95 0.60 -25.20
N GLN B 201 -15.44 -0.44 -24.55
CA GLN B 201 -14.61 -1.44 -25.20
C GLN B 201 -14.81 -2.77 -24.51
N THR B 202 -15.03 -3.79 -25.31
CA THR B 202 -15.13 -5.14 -24.81
C THR B 202 -13.85 -5.80 -25.22
N ASN B 203 -13.07 -6.24 -24.24
CA ASN B 203 -11.78 -6.87 -24.49
C ASN B 203 -11.39 -7.72 -23.30
N LYS B 204 -10.23 -8.37 -23.38
CA LYS B 204 -9.62 -9.11 -22.28
C LYS B 204 -8.73 -8.08 -21.55
N PHE B 205 -9.08 -7.72 -20.31
CA PHE B 205 -8.29 -6.71 -19.58
C PHE B 205 -7.60 -7.31 -18.39
N ASN B 206 -6.38 -6.82 -18.12
CA ASN B 206 -5.66 -7.18 -16.91
C ASN B 206 -6.40 -6.57 -15.75
N TYR B 207 -6.91 -7.41 -14.86
CA TYR B 207 -7.74 -6.93 -13.76
C TYR B 207 -7.37 -7.55 -12.43
N THR B 208 -7.55 -6.77 -11.37
CA THR B 208 -7.44 -7.30 -10.02
C THR B 208 -8.33 -6.48 -9.11
N GLU B 209 -8.91 -7.16 -8.12
CA GLU B 209 -9.65 -6.50 -7.06
C GLU B 209 -8.63 -6.29 -5.94
N PHE B 210 -8.53 -5.07 -5.43
CA PHE B 210 -7.53 -4.79 -4.40
C PHE B 210 -8.18 -4.27 -3.13
N THR B 211 -7.64 -4.69 -2.00
CA THR B 211 -8.12 -4.19 -0.72
C THR B 211 -6.95 -3.50 0.00
N THR B 212 -7.19 -2.28 0.51
CA THR B 212 -6.18 -1.58 1.29
C THR B 212 -6.08 -2.30 2.64
N PRO B 213 -4.97 -2.18 3.41
CA PRO B 213 -4.95 -2.82 4.75
C PRO B 213 -6.08 -2.34 5.68
N ASP B 214 -6.63 -1.12 5.46
CA ASP B 214 -7.68 -0.62 6.34
C ASP B 214 -9.09 -1.04 5.83
N GLY B 215 -9.15 -1.95 4.85
CA GLY B 215 -10.40 -2.55 4.39
C GLY B 215 -11.21 -1.85 3.31
N HIS B 216 -10.58 -1.00 2.48
CA HIS B 216 -11.30 -0.35 1.38
C HIS B 216 -11.00 -1.10 0.07
N TYR B 217 -12.05 -1.49 -0.66
CA TYR B 217 -11.99 -2.32 -1.86
C TYR B 217 -12.08 -1.49 -3.16
N TYR B 218 -11.20 -1.83 -4.14
CA TYR B 218 -11.09 -1.16 -5.44
C TYR B 218 -10.94 -2.14 -6.58
N ASP B 219 -11.51 -1.80 -7.72
CA ASP B 219 -11.32 -2.52 -8.97
C ASP B 219 -10.10 -1.90 -9.62
N ILE B 220 -9.10 -2.71 -9.98
CA ILE B 220 -7.91 -2.20 -10.65
C ILE B 220 -7.88 -2.77 -12.05
N LEU B 221 -7.74 -1.89 -13.04
CA LEU B 221 -7.63 -2.27 -14.43
C LEU B 221 -6.38 -1.70 -15.04
N GLU B 222 -5.74 -2.45 -15.91
CA GLU B 222 -4.58 -1.96 -16.64
C GLU B 222 -4.98 -1.83 -18.12
N LEU B 223 -4.72 -0.64 -18.70
CA LEU B 223 -4.97 -0.30 -20.09
C LEU B 223 -3.64 0.01 -20.79
N PRO B 224 -3.10 -0.93 -21.59
CA PRO B 224 -1.81 -0.66 -22.23
C PRO B 224 -1.92 0.30 -23.41
N TYR B 225 -0.89 1.14 -23.56
CA TYR B 225 -0.74 2.02 -24.71
C TYR B 225 0.02 1.22 -25.78
N HIS B 226 0.15 1.74 -27.02
CA HIS B 226 0.77 0.99 -28.14
C HIS B 226 2.17 0.42 -27.80
N GLY B 227 2.42 -0.82 -28.23
CA GLY B 227 3.69 -1.51 -27.97
C GLY B 227 3.97 -1.86 -26.51
N ASP B 228 3.03 -1.58 -25.60
CA ASP B 228 3.08 -1.86 -24.15
C ASP B 228 4.18 -1.06 -23.41
N THR B 229 4.72 0.02 -24.03
CA THR B 229 5.74 0.87 -23.40
C THR B 229 5.13 1.57 -22.18
N LEU B 230 3.91 2.08 -22.33
CA LEU B 230 3.16 2.70 -21.24
C LEU B 230 1.90 1.93 -20.97
N SER B 231 1.38 2.09 -19.78
CA SER B 231 0.11 1.54 -19.36
C SER B 231 -0.57 2.57 -18.51
N MET B 232 -1.91 2.59 -18.55
CA MET B 232 -2.69 3.37 -17.61
C MET B 232 -3.37 2.40 -16.64
N PHE B 233 -3.18 2.60 -15.35
CA PHE B 233 -3.89 1.83 -14.33
C PHE B 233 -5.07 2.69 -13.87
N ILE B 234 -6.25 2.14 -13.79
CA ILE B 234 -7.44 2.81 -13.30
C ILE B 234 -7.87 2.07 -12.04
N ALA B 235 -8.08 2.81 -10.93
CA ALA B 235 -8.53 2.28 -9.66
C ALA B 235 -9.83 2.96 -9.28
N ALA B 236 -10.91 2.18 -9.19
CA ALA B 236 -12.22 2.74 -8.86
C ALA B 236 -12.88 1.98 -7.73
N PRO B 237 -13.42 2.69 -6.70
CA PRO B 237 -14.10 2.01 -5.60
C PRO B 237 -15.21 1.09 -6.08
N TYR B 238 -15.26 -0.11 -5.50
CA TYR B 238 -16.22 -1.16 -5.80
C TYR B 238 -17.64 -0.67 -5.38
N GLU B 239 -17.76 0.09 -4.25
CA GLU B 239 -18.99 0.67 -3.69
C GLU B 239 -19.02 2.22 -3.80
N LYS B 240 -20.22 2.82 -3.72
CA LYS B 240 -20.50 4.25 -3.91
C LYS B 240 -20.14 5.20 -2.75
N GLU B 241 -19.65 4.70 -1.61
CA GLU B 241 -19.31 5.58 -0.48
C GLU B 241 -17.83 5.45 -0.06
N VAL B 242 -17.00 4.75 -0.85
CA VAL B 242 -15.58 4.54 -0.54
C VAL B 242 -14.75 5.72 -1.09
N PRO B 243 -14.03 6.47 -0.21
CA PRO B 243 -13.22 7.58 -0.73
C PRO B 243 -11.95 7.06 -1.42
N LEU B 244 -11.43 7.84 -2.37
CA LEU B 244 -10.19 7.55 -3.10
C LEU B 244 -8.97 7.74 -2.21
N SER B 245 -9.07 8.63 -1.18
CA SER B 245 -7.99 8.98 -0.25
C SER B 245 -7.41 7.76 0.48
N ALA B 246 -8.23 6.76 0.81
CA ALA B 246 -7.78 5.51 1.47
C ALA B 246 -6.71 4.82 0.59
N LEU B 247 -6.91 4.82 -0.74
CA LEU B 247 -5.94 4.30 -1.69
C LEU B 247 -4.79 5.29 -1.92
N THR B 248 -5.11 6.59 -2.12
CA THR B 248 -4.10 7.65 -2.35
C THR B 248 -3.10 7.70 -1.21
N ASN B 249 -3.57 7.52 0.01
CA ASN B 249 -2.73 7.57 1.20
C ASN B 249 -1.63 6.48 1.24
N ILE B 250 -1.76 5.38 0.42
CA ILE B 250 -0.73 4.34 0.44
C ILE B 250 -0.03 4.13 -0.92
N LEU B 251 -0.32 4.97 -1.92
CA LEU B 251 0.28 4.85 -3.25
C LEU B 251 1.81 4.86 -3.19
N SER B 252 2.44 4.03 -4.02
CA SER B 252 3.89 3.93 -4.17
C SER B 252 4.18 3.17 -5.45
N ALA B 253 5.45 3.13 -5.88
CA ALA B 253 5.87 2.35 -7.05
C ALA B 253 5.66 0.86 -6.78
N GLN B 254 5.95 0.43 -5.54
CA GLN B 254 5.80 -0.96 -5.09
C GLN B 254 4.33 -1.41 -5.13
N LEU B 255 3.38 -0.51 -4.82
CA LEU B 255 1.96 -0.83 -4.85
C LEU B 255 1.50 -1.19 -6.30
N ILE B 256 1.99 -0.45 -7.30
CA ILE B 256 1.65 -0.69 -8.70
C ILE B 256 2.21 -2.05 -9.14
N SER B 257 3.44 -2.41 -8.69
CA SER B 257 4.04 -3.73 -8.97
C SER B 257 3.25 -4.84 -8.25
N HIS B 258 2.71 -4.55 -7.05
CA HIS B 258 1.87 -5.49 -6.30
C HIS B 258 0.61 -5.77 -7.14
N TRP B 259 -0.07 -4.71 -7.65
CA TRP B 259 -1.25 -4.86 -8.49
C TRP B 259 -0.98 -5.75 -9.70
N LYS B 260 0.11 -5.47 -10.45
CA LYS B 260 0.52 -6.20 -11.65
C LYS B 260 0.78 -7.69 -11.36
N GLY B 261 1.38 -7.98 -10.22
CA GLY B 261 1.62 -9.36 -9.81
C GLY B 261 0.35 -10.15 -9.54
N ASN B 262 -0.76 -9.47 -9.14
CA ASN B 262 -2.03 -10.16 -8.83
C ASN B 262 -3.03 -10.14 -9.99
N MET B 263 -2.70 -9.44 -11.08
CA MET B 263 -3.59 -9.30 -12.23
C MET B 263 -3.64 -10.52 -13.14
N THR B 264 -4.83 -10.80 -13.67
CA THR B 264 -5.11 -11.83 -14.67
C THR B 264 -6.00 -11.19 -15.75
N ARG B 265 -5.94 -11.70 -16.99
CA ARG B 265 -6.69 -11.18 -18.13
C ARG B 265 -8.08 -11.82 -18.21
N LEU B 266 -9.10 -10.99 -18.05
CA LEU B 266 -10.50 -11.41 -18.04
C LEU B 266 -11.32 -10.69 -19.12
N PRO B 267 -12.28 -11.39 -19.80
CA PRO B 267 -13.11 -10.70 -20.80
C PRO B 267 -14.16 -9.80 -20.12
N ARG B 268 -14.08 -8.50 -20.37
CA ARG B 268 -15.01 -7.57 -19.74
C ARG B 268 -15.45 -6.51 -20.68
N LEU B 269 -16.61 -5.92 -20.40
CA LEU B 269 -17.06 -4.69 -21.05
C LEU B 269 -16.51 -3.56 -20.17
N LEU B 270 -15.73 -2.65 -20.75
CA LEU B 270 -15.24 -1.49 -19.99
C LEU B 270 -15.91 -0.22 -20.47
N VAL B 271 -16.50 0.54 -19.54
CA VAL B 271 -17.10 1.84 -19.85
C VAL B 271 -16.27 2.85 -19.04
N LEU B 272 -15.48 3.66 -19.74
CA LEU B 272 -14.59 4.65 -19.14
C LEU B 272 -14.90 6.06 -19.66
N PRO B 273 -15.05 7.07 -18.77
CA PRO B 273 -15.27 8.43 -19.28
C PRO B 273 -14.06 8.97 -20.03
N LYS B 274 -14.34 9.77 -21.07
CA LYS B 274 -13.34 10.55 -21.77
C LYS B 274 -13.00 11.68 -20.85
N PHE B 275 -11.79 12.23 -20.92
CA PHE B 275 -11.46 13.43 -20.13
C PHE B 275 -10.23 14.11 -20.70
N SER B 276 -10.25 15.44 -20.66
CA SER B 276 -9.17 16.34 -21.06
C SER B 276 -9.09 17.31 -19.93
N LEU B 277 -8.11 17.13 -19.08
CA LEU B 277 -7.97 17.93 -17.87
C LEU B 277 -6.64 18.66 -17.81
N GLU B 278 -6.66 19.81 -17.17
CA GLU B 278 -5.49 20.63 -16.94
C GLU B 278 -5.44 20.96 -15.48
N THR B 279 -4.24 21.01 -14.92
CA THR B 279 -4.00 21.39 -13.53
C THR B 279 -2.69 22.14 -13.44
N GLU B 280 -2.72 23.25 -12.73
CA GLU B 280 -1.52 23.99 -12.41
C GLU B 280 -1.36 23.93 -10.88
N VAL B 281 -0.23 23.37 -10.42
CA VAL B 281 0.08 23.19 -9.02
C VAL B 281 1.14 24.22 -8.56
N ASP B 282 0.82 24.96 -7.50
CA ASP B 282 1.79 25.80 -6.80
C ASP B 282 2.44 24.84 -5.77
N LEU B 283 3.67 24.44 -6.05
CA LEU B 283 4.40 23.43 -5.29
C LEU B 283 4.86 23.83 -3.90
N ARG B 284 4.74 25.12 -3.51
CA ARG B 284 5.26 25.56 -2.22
C ARG B 284 4.67 24.80 -1.02
N LYS B 285 3.34 24.85 -0.79
CA LYS B 285 2.76 24.20 0.39
C LYS B 285 2.98 22.66 0.37
N PRO B 286 2.81 21.94 -0.77
CA PRO B 286 3.13 20.48 -0.77
C PRO B 286 4.58 20.18 -0.42
N LEU B 287 5.57 20.96 -0.95
CA LEU B 287 6.99 20.73 -0.66
C LEU B 287 7.34 21.09 0.78
N GLU B 288 6.70 22.14 1.33
CA GLU B 288 6.87 22.54 2.73
C GLU B 288 6.36 21.44 3.65
N ASN B 289 5.18 20.85 3.35
CA ASN B 289 4.59 19.75 4.14
C ASN B 289 5.45 18.49 4.11
N LEU B 290 6.37 18.38 3.13
CA LEU B 290 7.28 17.26 3.03
C LEU B 290 8.63 17.58 3.72
N GLY B 291 8.73 18.76 4.33
CA GLY B 291 9.90 19.18 5.10
C GLY B 291 10.85 20.15 4.42
N MET B 292 10.58 20.54 3.14
CA MET B 292 11.44 21.49 2.41
C MET B 292 10.93 22.93 2.64
N THR B 293 11.16 23.46 3.83
CA THR B 293 10.68 24.80 4.21
C THR B 293 11.72 25.91 4.01
N ASP B 294 13.00 25.62 4.24
CA ASP B 294 14.06 26.63 4.13
C ASP B 294 14.15 27.30 2.73
N MET B 295 14.01 26.54 1.64
CA MET B 295 14.18 27.06 0.29
C MET B 295 13.22 28.20 -0.08
N PHE B 296 12.04 28.33 0.60
CA PHE B 296 11.08 29.39 0.26
C PHE B 296 11.23 30.66 1.12
N ARG B 297 12.16 30.66 2.08
CA ARG B 297 12.32 31.79 3.01
C ARG B 297 13.64 32.52 2.81
N GLN B 298 13.52 33.81 2.46
CA GLN B 298 14.58 34.76 2.12
C GLN B 298 15.92 34.58 2.89
N PHE B 299 15.89 34.58 4.23
CA PHE B 299 17.16 34.48 4.98
C PHE B 299 17.49 33.05 5.45
N GLN B 300 16.52 32.13 5.44
CA GLN B 300 16.80 30.76 5.83
C GLN B 300 17.44 29.99 4.68
N ALA B 301 16.91 30.16 3.43
CA ALA B 301 17.33 29.47 2.21
C ALA B 301 18.82 29.56 1.96
N ASP B 302 19.41 28.40 1.65
CA ASP B 302 20.82 28.31 1.34
C ASP B 302 20.96 27.81 -0.10
N PHE B 303 21.26 28.76 -1.02
CA PHE B 303 21.48 28.49 -2.43
C PHE B 303 22.95 28.79 -2.79
N THR B 304 23.88 28.58 -1.82
CA THR B 304 25.31 28.93 -1.89
C THR B 304 26.09 28.12 -2.91
N SER B 305 25.56 26.97 -3.38
CA SER B 305 26.25 26.20 -4.42
C SER B 305 26.07 26.87 -5.80
N LEU B 306 25.02 27.72 -5.93
CA LEU B 306 24.68 28.50 -7.12
C LEU B 306 25.32 29.89 -7.03
N SER B 307 25.06 30.63 -5.95
CA SER B 307 25.57 31.99 -5.68
C SER B 307 25.83 32.15 -4.17
N ASP B 308 27.07 32.46 -3.78
CA ASP B 308 27.38 32.64 -2.35
C ASP B 308 27.67 34.13 -2.06
N GLN B 309 27.12 35.03 -2.91
CA GLN B 309 27.31 36.47 -2.81
C GLN B 309 26.04 37.14 -2.26
N GLU B 310 24.91 37.01 -2.98
CA GLU B 310 23.63 37.63 -2.63
C GLU B 310 22.64 36.58 -2.07
N PRO B 311 21.82 36.92 -1.04
CA PRO B 311 20.84 35.93 -0.55
C PRO B 311 19.81 35.62 -1.64
N LEU B 312 19.50 34.33 -1.80
CA LEU B 312 18.56 33.77 -2.78
C LEU B 312 17.55 32.87 -2.08
N HIS B 313 16.34 32.80 -2.62
CA HIS B 313 15.31 31.88 -2.17
C HIS B 313 14.39 31.65 -3.35
N VAL B 314 13.63 30.55 -3.34
CA VAL B 314 12.71 30.23 -4.42
C VAL B 314 11.45 31.09 -4.27
N ALA B 315 11.17 31.92 -5.28
CA ALA B 315 9.96 32.75 -5.26
C ALA B 315 8.77 31.97 -5.78
N LEU B 316 8.98 31.09 -6.74
CA LEU B 316 7.91 30.41 -7.46
C LEU B 316 8.33 29.03 -7.89
N ALA B 317 7.50 28.05 -7.56
CA ALA B 317 7.72 26.65 -7.91
C ALA B 317 6.41 26.11 -8.42
N LEU B 318 6.34 25.85 -9.71
CA LEU B 318 5.12 25.45 -10.38
C LEU B 318 5.25 24.22 -11.22
N GLN B 319 4.15 23.49 -11.30
CA GLN B 319 3.98 22.39 -12.24
C GLN B 319 2.65 22.59 -12.93
N LYS B 320 2.64 22.46 -14.25
CA LYS B 320 1.42 22.49 -15.01
C LYS B 320 1.33 21.23 -15.85
N VAL B 321 0.20 20.53 -15.77
CA VAL B 321 0.00 19.30 -16.52
C VAL B 321 -1.31 19.36 -17.29
N LYS B 322 -1.28 18.83 -18.52
CA LYS B 322 -2.47 18.64 -19.33
C LYS B 322 -2.50 17.21 -19.74
N ILE B 323 -3.62 16.54 -19.50
CA ILE B 323 -3.77 15.15 -19.90
C ILE B 323 -5.06 14.98 -20.68
N GLU B 324 -4.96 14.22 -21.75
CA GLU B 324 -6.09 13.90 -22.60
C GLU B 324 -6.25 12.41 -22.69
N VAL B 325 -7.47 11.95 -22.44
CA VAL B 325 -7.90 10.54 -22.54
C VAL B 325 -9.11 10.53 -23.47
N ASN B 326 -8.92 9.92 -24.64
CA ASN B 326 -9.96 9.77 -25.64
C ASN B 326 -9.80 8.38 -26.31
N GLU B 327 -10.54 8.14 -27.38
CA GLU B 327 -10.62 6.86 -28.10
C GLU B 327 -9.33 6.33 -28.66
N SER B 328 -8.43 7.19 -29.17
CA SER B 328 -7.17 6.72 -29.77
C SER B 328 -5.99 7.70 -29.59
N ALA B 337 -24.56 4.47 -34.69
CA ALA B 337 -25.05 4.81 -36.04
C ALA B 337 -24.07 4.36 -37.17
N VAL B 338 -24.51 3.50 -38.12
CA VAL B 338 -25.82 2.85 -38.22
C VAL B 338 -25.93 1.74 -37.14
N ILE B 339 -24.80 1.05 -36.89
CA ILE B 339 -24.69 -0.09 -35.97
C ILE B 339 -23.55 0.09 -35.00
N VAL B 340 -23.74 -0.46 -33.79
CA VAL B 340 -22.76 -0.60 -32.73
C VAL B 340 -22.88 -2.07 -32.30
N SER B 341 -21.90 -2.86 -32.72
CA SER B 341 -21.86 -4.30 -32.46
C SER B 341 -20.69 -4.62 -31.58
N ALA B 342 -20.84 -5.66 -30.77
CA ALA B 342 -19.81 -6.14 -29.87
C ALA B 342 -20.09 -7.56 -29.44
N ARG B 343 -19.03 -8.24 -28.96
CA ARG B 343 -19.16 -9.57 -28.37
C ARG B 343 -19.61 -9.36 -26.94
N MET B 344 -20.56 -10.12 -26.46
CA MET B 344 -21.04 -9.98 -25.06
C MET B 344 -19.95 -10.46 -24.12
N ALA B 345 -19.83 -9.84 -22.94
CA ALA B 345 -18.83 -10.26 -21.97
C ALA B 345 -19.53 -10.72 -20.68
N PRO B 346 -18.98 -11.72 -19.94
CA PRO B 346 -19.67 -12.20 -18.71
C PRO B 346 -19.92 -11.11 -17.65
N GLU B 347 -19.06 -10.07 -17.61
CA GLU B 347 -19.21 -8.98 -16.67
C GLU B 347 -18.79 -7.65 -17.28
N GLU B 348 -19.31 -6.57 -16.70
CA GLU B 348 -19.02 -5.20 -17.11
C GLU B 348 -18.39 -4.44 -15.95
N ILE B 349 -17.56 -3.45 -16.29
CA ILE B 349 -16.91 -2.51 -15.39
C ILE B 349 -17.28 -1.12 -15.90
N ILE B 350 -18.20 -0.46 -15.21
CA ILE B 350 -18.68 0.88 -15.57
C ILE B 350 -18.02 1.88 -14.63
N ILE B 351 -17.09 2.71 -15.14
CA ILE B 351 -16.41 3.73 -14.32
C ILE B 351 -17.28 4.99 -14.30
N ASP B 352 -18.32 5.02 -13.46
CA ASP B 352 -19.25 6.17 -13.44
C ASP B 352 -19.22 6.89 -12.09
N ARG B 353 -18.12 6.77 -11.39
CA ARG B 353 -17.88 7.35 -10.08
C ARG B 353 -16.43 7.87 -10.04
N PRO B 354 -16.05 8.75 -9.07
CA PRO B 354 -14.65 9.23 -9.04
C PRO B 354 -13.61 8.11 -9.01
N PHE B 355 -12.51 8.30 -9.74
CA PHE B 355 -11.49 7.27 -9.83
C PHE B 355 -10.09 7.84 -9.83
N LEU B 356 -9.11 6.99 -9.53
CA LEU B 356 -7.70 7.33 -9.59
C LEU B 356 -7.11 6.73 -10.86
N PHE B 357 -6.12 7.40 -11.42
CA PHE B 357 -5.43 6.86 -12.59
C PHE B 357 -3.92 7.08 -12.40
N VAL B 358 -3.11 6.19 -12.99
CA VAL B 358 -1.66 6.22 -12.91
C VAL B 358 -1.14 5.88 -14.30
N VAL B 359 -0.17 6.64 -14.81
CA VAL B 359 0.46 6.34 -16.11
C VAL B 359 1.87 5.90 -15.82
N ARG B 360 2.18 4.66 -16.18
CA ARG B 360 3.45 4.01 -15.88
C ARG B 360 4.28 3.75 -17.11
N HIS B 361 5.59 4.02 -17.02
CA HIS B 361 6.54 3.67 -18.07
C HIS B 361 6.99 2.28 -17.71
N ASN B 362 6.47 1.25 -18.43
CA ASN B 362 6.69 -0.17 -18.13
C ASN B 362 8.16 -0.63 -18.10
N PRO B 363 9.08 -0.27 -19.02
CA PRO B 363 10.46 -0.81 -18.89
C PRO B 363 11.20 -0.35 -17.62
N THR B 364 10.81 0.79 -17.00
CA THR B 364 11.51 1.28 -15.80
C THR B 364 10.66 1.28 -14.52
N GLY B 365 9.33 1.18 -14.67
CA GLY B 365 8.37 1.29 -13.57
C GLY B 365 8.11 2.75 -13.14
N THR B 366 8.61 3.73 -13.91
CA THR B 366 8.43 5.15 -13.56
C THR B 366 6.95 5.58 -13.55
N VAL B 367 6.51 6.26 -12.47
CA VAL B 367 5.16 6.83 -12.40
C VAL B 367 5.22 8.19 -13.13
N LEU B 368 4.77 8.22 -14.38
CA LEU B 368 4.81 9.43 -15.20
C LEU B 368 3.69 10.42 -14.85
N PHE B 369 2.47 9.89 -14.67
CA PHE B 369 1.31 10.74 -14.36
C PHE B 369 0.46 10.05 -13.36
N MET B 370 -0.25 10.84 -12.61
CA MET B 370 -1.13 10.39 -11.55
C MET B 370 -2.27 11.41 -11.48
N GLY B 371 -3.47 10.94 -11.21
CA GLY B 371 -4.60 11.83 -11.07
C GLY B 371 -5.81 11.29 -10.37
N GLN B 372 -6.66 12.21 -9.87
CA GLN B 372 -7.96 11.87 -9.30
C GLN B 372 -9.01 12.56 -10.19
N VAL B 373 -9.86 11.75 -10.80
CA VAL B 373 -10.89 12.28 -11.70
C VAL B 373 -12.16 12.27 -10.91
N MET B 374 -12.57 13.46 -10.46
CA MET B 374 -13.76 13.67 -9.64
C MET B 374 -14.98 14.00 -10.49
N GLU B 375 -14.76 14.68 -11.64
CA GLU B 375 -15.78 15.06 -12.61
C GLU B 375 -15.14 15.21 -13.99
N PRO B 376 -15.32 14.24 -14.90
CA PRO B 376 -14.70 14.36 -16.22
C PRO B 376 -15.38 15.44 -17.10
S SO4 C . 19.32 24.49 -22.68
O1 SO4 C . 18.73 23.85 -21.49
O2 SO4 C . 18.38 25.47 -23.24
O3 SO4 C . 20.54 25.21 -22.32
O4 SO4 C . 19.61 23.47 -23.67
F3 96P D . 23.37 4.82 -3.76
C24 96P D . 23.09 5.15 -2.51
F1 96P D . 24.26 5.27 -1.89
F2 96P D . 22.60 6.39 -2.57
C23 96P D . 22.17 4.20 -1.84
C22 96P D . 21.28 4.63 -0.86
C21 96P D . 20.43 3.74 -0.24
C20 96P D . 20.45 2.39 -0.58
C25 96P D . 22.18 2.85 -2.18
C19 96P D . 21.32 1.95 -1.55
O12 96P D . 21.35 0.57 -1.82
C1 96P D . 20.34 0.04 -2.60
O1 96P D . 19.96 0.56 -3.62
N 96P D . 19.80 -1.04 -2.02
C2 96P D . 18.52 -1.59 -2.45
C3 96P D . 17.32 -0.81 -1.94
O7 96P D . 17.16 -0.68 -0.50
C12 96P D . 17.67 0.40 0.11
C13 96P D . 17.96 0.16 1.56
C18 96P D . 17.58 -1.03 2.17
C17 96P D . 17.91 -1.26 3.49
O11 96P D . 17.51 -2.40 4.15
C16 96P D . 18.64 -0.32 4.21
O10 96P D . 18.97 -0.58 5.51
C15 96P D . 19.05 0.86 3.59
O9 96P D . 19.74 1.78 4.30
C14 96P D . 18.69 1.10 2.27
O8 96P D . 17.83 1.46 -0.46
C4 96P D . 16.04 -1.45 -2.42
O2 96P D . 16.04 -1.44 -3.86
C5 96P D . 14.88 -1.15 -4.47
O3 96P D . 13.87 -0.89 -3.88
C6 96P D . 14.99 -1.23 -5.96
C11 96P D . 13.86 -1.05 -6.74
C10 96P D . 13.92 -1.22 -8.11
O6 96P D . 12.77 -1.13 -8.83
C9 96P D . 15.13 -1.53 -8.72
O5 96P D . 15.22 -1.69 -10.07
C8 96P D . 16.27 -1.68 -7.93
O4 96P D . 17.47 -1.98 -8.52
C7 96P D . 16.20 -1.54 -6.56
F3 96P E . 22.38 12.40 -22.98
C24 96P E . 22.07 11.39 -23.78
F1 96P E . 23.21 10.75 -24.00
F2 96P E . 21.32 10.57 -23.06
C23 96P E . 21.38 11.84 -25.04
C22 96P E . 21.95 11.61 -26.29
C21 96P E . 21.31 12.03 -27.45
C20 96P E . 20.09 12.69 -27.37
C25 96P E . 20.17 12.52 -24.97
C19 96P E . 19.53 12.93 -26.13
O12 96P E . 18.31 13.64 -26.01
C1 96P E . 18.35 15.00 -25.99
O1 96P E . 19.13 15.67 -26.65
N 96P E . 17.48 15.51 -25.11
C2 96P E . 17.62 16.84 -24.54
C3 96P E . 18.80 17.05 -23.60
O7 96P E . 20.13 17.10 -24.23
C12 96P E . 20.60 18.30 -24.65
C13 96P E . 21.97 18.17 -25.21
C18 96P E . 22.60 16.93 -25.22
C17 96P E . 23.87 16.79 -25.77
O11 96P E . 24.47 15.58 -25.78
C16 96P E . 24.52 17.90 -26.32
O10 96P E . 25.75 17.78 -26.89
C15 96P E . 23.88 19.15 -26.31
O9 96P E . 24.52 20.21 -26.86
C14 96P E . 22.61 19.28 -25.76
O8 96P E . 20.00 19.35 -24.55
C4 96P E . 18.94 15.92 -22.63
O2 96P E . 18.42 16.19 -21.31
C5 96P E . 18.97 15.50 -20.29
O3 96P E . 20.02 14.91 -20.39
C6 96P E . 18.13 15.51 -19.05
C11 96P E . 18.53 14.73 -17.98
C10 96P E . 17.70 14.58 -16.88
O6 96P E . 18.10 13.80 -15.85
C9 96P E . 16.45 15.21 -16.84
O5 96P E . 15.62 14.96 -15.80
C8 96P E . 16.08 16.03 -17.90
O4 96P E . 14.90 16.70 -17.84
C7 96P E . 16.91 16.18 -19.01
#